data_6NTR
#
_entry.id   6NTR
#
_cell.length_a   47.360
_cell.length_b   69.240
_cell.length_c   83.239
_cell.angle_alpha   90.09
_cell.angle_beta   90.02
_cell.angle_gamma   78.66
#
_symmetry.space_group_name_H-M   'P 1'
#
loop_
_entity.id
_entity.type
_entity.pdbx_description
1 polymer 'ATP/GTP-binding site-containing protein A'
2 non-polymer GLYCEROL
3 non-polymer 1,2-ETHANEDIOL
4 water water
#
_entity_poly.entity_id   1
_entity_poly.type   'polypeptide(L)'
_entity_poly.pdbx_seq_one_letter_code
;SAVRLVPHRAIYDLTLDRADEKSGISGLTGR(MSE)VYEFNGSACEGYTTNFRFVTRVD(MSE)DEQPQRVTDQQTTTFE
DADGKDFRFVNKTFVDKELVKEVRGDAKLEDGKTVVKLSKPKENTLDLKGTQFPTRH(MSE)EELIGKAEAGQKFYQTTL
FDASEDADRVVATTVVVGKQQAVPDDETKV(MSE)GKFSKDQVWPVTIAYFDDKEQQDG(MSE)PIYRINFKLYRNGITR
D(MSE)T(MSE)DYGDFS(MSE)RGKLVKLDIYDTGKNKTGCSK
;
_entity_poly.pdbx_strand_id   A,B,C,D
#
loop_
_chem_comp.id
_chem_comp.type
_chem_comp.name
_chem_comp.formula
EDO non-polymer 1,2-ETHANEDIOL 'C2 H6 O2'
GOL non-polymer GLYCEROL 'C3 H8 O3'
#
# COMPACT_ATOMS: atom_id res chain seq x y z
N ALA A 2 -13.33 -9.20 5.36
CA ALA A 2 -12.92 -8.58 4.09
C ALA A 2 -11.58 -9.12 3.61
N VAL A 3 -11.46 -10.43 3.64
CA VAL A 3 -10.26 -11.14 3.22
C VAL A 3 -10.52 -11.79 1.85
N ARG A 4 -9.58 -11.70 0.91
CA ARG A 4 -9.81 -12.32 -0.40
C ARG A 4 -8.84 -13.45 -0.71
N LEU A 5 -9.17 -14.66 -0.31
CA LEU A 5 -8.29 -15.78 -0.55
C LEU A 5 -8.06 -15.99 -2.02
N VAL A 6 -6.81 -16.15 -2.40
CA VAL A 6 -6.46 -16.32 -3.79
C VAL A 6 -6.53 -17.76 -4.26
N PRO A 7 -7.13 -17.98 -5.41
CA PRO A 7 -7.25 -19.34 -5.94
C PRO A 7 -5.92 -19.83 -6.41
N HIS A 8 -5.54 -21.02 -5.99
CA HIS A 8 -4.23 -21.51 -6.32
C HIS A 8 -4.07 -23.00 -6.13
N ARG A 9 -3.03 -23.55 -6.70
CA ARG A 9 -2.69 -24.95 -6.54
C ARG A 9 -1.32 -24.92 -5.93
N ALA A 10 -1.11 -25.72 -4.91
CA ALA A 10 0.16 -25.71 -4.20
C ALA A 10 0.57 -27.15 -3.94
N ILE A 11 1.80 -27.47 -4.30
CA ILE A 11 2.33 -28.82 -4.14
C ILE A 11 3.40 -28.74 -3.08
N TYR A 12 3.27 -29.57 -2.06
CA TYR A 12 4.22 -29.62 -0.97
C TYR A 12 4.93 -30.95 -1.01
N ASP A 13 6.21 -30.94 -0.69
CA ASP A 13 6.99 -32.16 -0.54
C ASP A 13 7.13 -32.50 0.94
N LEU A 14 6.71 -33.71 1.27
CA LEU A 14 6.70 -34.20 2.64
C LEU A 14 7.94 -34.98 3.02
N THR A 15 8.40 -34.70 4.23
CA THR A 15 9.59 -35.34 4.78
C THR A 15 9.36 -35.67 6.24
N LEU A 16 10.15 -36.58 6.78
CA LEU A 16 10.02 -36.95 8.18
C LEU A 16 10.78 -35.97 9.06
N ASP A 17 10.15 -35.47 10.11
CA ASP A 17 10.84 -34.53 10.98
C ASP A 17 11.45 -35.23 12.18
N ARG A 18 10.62 -35.88 12.98
CA ARG A 18 11.10 -36.60 14.15
C ARG A 18 10.34 -37.89 14.30
N ALA A 19 11.01 -38.95 14.72
CA ALA A 19 10.34 -40.22 14.90
C ALA A 19 10.54 -40.81 16.28
N ASP A 20 9.45 -41.10 16.97
CA ASP A 20 9.51 -41.71 18.28
C ASP A 20 9.78 -43.19 18.14
N GLU A 21 10.37 -43.79 19.15
CA GLU A 21 10.66 -45.22 19.14
C GLU A 21 9.34 -45.93 19.05
N LYS A 22 8.35 -45.36 19.69
CA LYS A 22 7.02 -45.91 19.76
C LYS A 22 6.41 -46.03 18.39
N SER A 23 6.64 -45.04 17.55
CA SER A 23 6.10 -45.03 16.21
C SER A 23 6.56 -46.18 15.32
N GLY A 24 7.83 -46.55 15.41
CA GLY A 24 8.38 -47.65 14.63
C GLY A 24 8.63 -47.27 13.20
N ILE A 25 8.51 -45.99 12.94
CA ILE A 25 8.66 -45.40 11.62
C ILE A 25 10.12 -45.10 11.38
N SER A 26 10.67 -45.58 10.28
CA SER A 26 12.06 -45.33 9.96
C SER A 26 12.20 -44.32 8.83
N GLY A 27 11.15 -44.16 8.04
CA GLY A 27 11.19 -43.22 6.95
C GLY A 27 9.81 -42.77 6.56
N LEU A 28 9.72 -41.59 5.98
CA LEU A 28 8.47 -41.05 5.51
C LEU A 28 8.70 -40.00 4.45
N THR A 29 8.37 -40.31 3.21
CA THR A 29 8.48 -39.35 2.13
C THR A 29 7.06 -39.25 1.66
N GLY A 30 6.67 -38.12 1.09
CA GLY A 30 5.31 -37.95 0.67
C GLY A 30 5.12 -36.69 -0.11
N ARG A 31 3.88 -36.40 -0.46
CA ARG A 31 3.60 -35.19 -1.19
C ARG A 31 2.20 -34.75 -0.88
N MSE A 32 1.92 -33.47 -0.97
CA MSE A 32 0.56 -33.02 -0.79
C MSE A 32 0.28 -32.05 -1.86
O MSE A 32 1.13 -31.24 -2.20
CB MSE A 32 0.20 -32.36 0.53
CG MSE A 32 -1.31 -32.45 0.67
SE MSE A 32 -2.09 -30.85 1.45
CE MSE A 32 -0.90 -30.81 3.02
N VAL A 33 -0.88 -32.16 -2.44
CA VAL A 33 -1.35 -31.26 -3.48
C VAL A 33 -2.60 -30.61 -2.94
N TYR A 34 -2.58 -29.28 -2.86
CA TYR A 34 -3.72 -28.52 -2.37
C TYR A 34 -4.18 -27.61 -3.49
N GLU A 35 -5.46 -27.63 -3.77
CA GLU A 35 -6.04 -26.68 -4.70
C GLU A 35 -7.22 -26.04 -4.00
N PHE A 36 -7.32 -24.72 -4.13
CA PHE A 36 -8.38 -23.96 -3.52
C PHE A 36 -8.89 -22.95 -4.54
N ASN A 37 -10.20 -22.96 -4.77
CA ASN A 37 -10.84 -22.07 -5.73
C ASN A 37 -12.24 -21.76 -5.21
N GLY A 38 -12.80 -20.66 -5.70
CA GLY A 38 -14.11 -20.21 -5.27
C GLY A 38 -14.11 -18.71 -5.04
N SER A 39 -15.13 -18.21 -4.37
CA SER A 39 -15.26 -16.78 -4.10
C SER A 39 -16.32 -16.51 -3.04
N ALA A 40 -16.37 -15.29 -2.53
CA ALA A 40 -17.39 -15.03 -1.54
C ALA A 40 -18.72 -15.25 -2.21
N CYS A 41 -18.86 -14.71 -3.42
CA CYS A 41 -20.08 -14.90 -4.20
C CYS A 41 -20.28 -16.33 -4.70
N GLU A 42 -19.19 -16.92 -5.18
CA GLU A 42 -19.15 -18.28 -5.70
C GLU A 42 -19.30 -19.31 -4.59
N GLY A 43 -18.38 -19.27 -3.66
CA GLY A 43 -18.32 -20.25 -2.59
C GLY A 43 -16.88 -20.74 -2.63
N TYR A 44 -16.59 -21.83 -1.95
CA TYR A 44 -15.24 -22.35 -2.02
C TYR A 44 -15.14 -23.85 -2.28
N THR A 45 -14.30 -24.22 -3.22
CA THR A 45 -14.10 -25.62 -3.54
C THR A 45 -12.67 -25.98 -3.18
N THR A 46 -12.52 -27.02 -2.39
CA THR A 46 -11.20 -27.44 -1.93
C THR A 46 -10.98 -28.89 -2.33
N ASN A 47 -9.86 -29.08 -3.10
CA ASN A 47 -9.41 -30.37 -3.52
C ASN A 47 -8.04 -30.65 -2.94
N PHE A 48 -7.88 -31.71 -2.16
CA PHE A 48 -6.54 -32.06 -1.70
C PHE A 48 -6.26 -33.55 -1.58
N ARG A 49 -5.00 -33.92 -1.81
CA ARG A 49 -4.54 -35.29 -1.78
C ARG A 49 -3.32 -35.36 -0.87
N PHE A 50 -3.33 -36.32 0.04
CA PHE A 50 -2.24 -36.51 0.97
C PHE A 50 -1.58 -37.89 0.86
N VAL A 51 -0.39 -37.94 0.29
CA VAL A 51 0.32 -39.21 0.12
C VAL A 51 1.60 -39.31 0.93
N THR A 52 1.71 -40.38 1.72
CA THR A 52 2.85 -40.59 2.60
C THR A 52 3.40 -41.99 2.37
N ARG A 53 4.68 -42.07 2.02
CA ARG A 53 5.33 -43.36 1.88
C ARG A 53 6.08 -43.56 3.19
N VAL A 54 5.57 -44.46 4.04
CA VAL A 54 6.15 -44.71 5.35
C VAL A 54 6.92 -46.02 5.44
N ASP A 55 8.19 -45.90 5.82
CA ASP A 55 9.08 -47.02 5.94
C ASP A 55 9.03 -47.52 7.34
N MSE A 56 9.02 -48.83 7.48
CA MSE A 56 9.01 -49.46 8.78
C MSE A 56 10.16 -50.40 8.57
O MSE A 56 10.35 -50.87 7.45
CB MSE A 56 7.70 -50.16 9.11
CG MSE A 56 6.64 -49.21 9.61
SE MSE A 56 5.59 -50.06 11.03
CE MSE A 56 3.80 -49.44 10.55
N ASP A 57 10.94 -50.66 9.61
CA ASP A 57 12.08 -51.52 9.47
C ASP A 57 11.75 -52.96 9.13
N GLU A 58 10.88 -53.56 9.92
CA GLU A 58 10.43 -54.91 9.64
C GLU A 58 9.54 -55.13 8.41
N GLN A 59 8.56 -54.25 8.24
CA GLN A 59 7.49 -54.33 7.23
C GLN A 59 7.76 -53.78 5.83
N PRO A 60 6.94 -54.17 4.88
CA PRO A 60 7.07 -53.65 3.52
C PRO A 60 6.54 -52.21 3.55
N GLN A 61 6.89 -51.37 2.60
CA GLN A 61 6.43 -49.99 2.61
C GLN A 61 4.92 -49.88 2.56
N ARG A 62 4.39 -48.84 3.20
CA ARG A 62 2.95 -48.56 3.21
C ARG A 62 2.72 -47.18 2.66
N VAL A 63 1.94 -47.09 1.60
CA VAL A 63 1.68 -45.83 0.91
C VAL A 63 0.22 -45.51 1.11
N THR A 64 -0.06 -44.53 1.96
CA THR A 64 -1.42 -44.08 2.24
C THR A 64 -1.71 -42.84 1.43
N ASP A 65 -2.83 -42.87 0.70
CA ASP A 65 -3.24 -41.80 -0.19
C ASP A 65 -4.61 -41.35 0.26
N GLN A 66 -4.67 -40.17 0.83
CA GLN A 66 -5.91 -39.61 1.30
C GLN A 66 -6.34 -38.60 0.27
N GLN A 67 -7.56 -38.73 -0.24
CA GLN A 67 -8.09 -37.83 -1.25
C GLN A 67 -9.36 -37.27 -0.73
N THR A 68 -9.50 -35.95 -0.80
CA THR A 68 -10.69 -35.33 -0.28
C THR A 68 -11.13 -34.17 -1.11
N THR A 69 -12.41 -33.89 -1.07
CA THR A 69 -12.96 -32.77 -1.78
C THR A 69 -13.98 -32.14 -0.90
N THR A 70 -14.01 -30.83 -0.84
CA THR A 70 -15.05 -30.15 -0.07
C THR A 70 -15.62 -28.98 -0.84
N PHE A 71 -16.80 -28.55 -0.41
CA PHE A 71 -17.39 -27.29 -0.87
C PHE A 71 -18.04 -26.62 0.33
N GLU A 72 -17.79 -25.33 0.48
CA GLU A 72 -18.35 -24.51 1.54
C GLU A 72 -19.10 -23.36 0.92
N ASP A 73 -20.28 -23.06 1.47
CA ASP A 73 -21.11 -22.07 0.81
C ASP A 73 -20.73 -20.66 1.22
N ALA A 74 -21.08 -19.72 0.34
CA ALA A 74 -20.70 -18.33 0.48
C ALA A 74 -21.02 -17.79 1.87
N ASP A 75 -22.29 -17.89 2.27
CA ASP A 75 -22.67 -17.49 3.62
C ASP A 75 -21.90 -18.26 4.69
N GLY A 76 -21.31 -19.40 4.35
CA GLY A 76 -20.64 -20.20 5.36
C GLY A 76 -21.60 -20.90 6.28
N LYS A 77 -22.72 -21.41 5.73
CA LYS A 77 -23.68 -22.20 6.49
C LYS A 77 -23.80 -23.63 5.99
N ASP A 78 -23.21 -23.95 4.86
CA ASP A 78 -23.24 -25.31 4.38
C ASP A 78 -21.81 -25.77 4.08
N PHE A 79 -21.60 -27.09 4.13
CA PHE A 79 -20.26 -27.66 3.98
C PHE A 79 -20.42 -29.08 3.47
N ARG A 80 -20.12 -29.31 2.20
N ARG A 80 -20.04 -29.31 2.22
CA ARG A 80 -20.15 -30.64 1.60
CA ARG A 80 -20.11 -30.60 1.56
C ARG A 80 -18.75 -31.24 1.61
C ARG A 80 -18.73 -31.25 1.62
N PHE A 81 -18.66 -32.53 1.94
CA PHE A 81 -17.35 -33.17 2.12
C PHE A 81 -17.29 -34.66 1.73
N VAL A 82 -16.17 -35.07 1.11
CA VAL A 82 -15.89 -36.47 0.73
C VAL A 82 -14.46 -36.82 1.16
N ASN A 83 -14.31 -37.94 1.88
CA ASN A 83 -13.00 -38.40 2.33
C ASN A 83 -12.72 -39.79 1.83
N LYS A 84 -11.77 -39.93 0.92
CA LYS A 84 -11.31 -41.24 0.48
C LYS A 84 -9.88 -41.47 0.94
N THR A 85 -9.60 -42.70 1.38
CA THR A 85 -8.31 -43.11 1.91
C THR A 85 -7.92 -44.43 1.28
N PHE A 86 -6.82 -44.46 0.54
CA PHE A 86 -6.32 -45.67 -0.10
C PHE A 86 -5.06 -46.15 0.60
N VAL A 87 -5.04 -47.43 0.99
CA VAL A 87 -3.86 -48.04 1.62
C VAL A 87 -3.26 -49.05 0.63
N ASP A 88 -2.07 -48.75 0.12
CA ASP A 88 -1.42 -49.58 -0.87
C ASP A 88 -2.40 -49.89 -2.00
N LYS A 89 -3.04 -48.84 -2.48
CA LYS A 89 -3.95 -48.86 -3.60
C LYS A 89 -5.34 -49.44 -3.41
N GLU A 90 -5.73 -49.72 -2.18
CA GLU A 90 -7.03 -50.26 -1.91
C GLU A 90 -7.84 -49.28 -1.11
N LEU A 91 -9.08 -49.05 -1.49
CA LEU A 91 -9.88 -48.09 -0.76
C LEU A 91 -10.28 -48.77 0.52
N VAL A 92 -9.76 -48.28 1.63
CA VAL A 92 -10.05 -48.85 2.91
C VAL A 92 -11.00 -48.01 3.72
N LYS A 93 -11.14 -46.75 3.35
CA LYS A 93 -12.05 -45.89 4.05
C LYS A 93 -12.64 -44.81 3.18
N GLU A 94 -13.93 -44.56 3.35
CA GLU A 94 -14.60 -43.51 2.62
C GLU A 94 -15.52 -42.81 3.59
N VAL A 95 -15.43 -41.49 3.63
CA VAL A 95 -16.29 -40.69 4.49
C VAL A 95 -16.89 -39.67 3.57
N ARG A 96 -18.19 -39.50 3.68
CA ARG A 96 -18.92 -38.63 2.79
C ARG A 96 -20.16 -38.17 3.52
N GLY A 97 -20.41 -36.86 3.53
CA GLY A 97 -21.62 -36.38 4.16
C GLY A 97 -21.83 -34.90 3.96
N ASP A 98 -22.72 -34.36 4.79
CA ASP A 98 -23.06 -32.95 4.77
C ASP A 98 -23.18 -32.41 6.18
N ALA A 99 -23.02 -31.10 6.30
CA ALA A 99 -23.29 -30.42 7.54
C ALA A 99 -23.84 -29.03 7.25
N LYS A 100 -24.72 -28.54 8.11
CA LYS A 100 -25.29 -27.22 7.91
C LYS A 100 -25.30 -26.42 9.20
N LEU A 101 -25.19 -25.11 9.07
CA LEU A 101 -25.24 -24.28 10.25
C LEU A 101 -26.63 -23.68 10.32
N GLU A 102 -27.47 -24.28 11.16
CA GLU A 102 -28.82 -23.82 11.38
C GLU A 102 -29.17 -24.01 12.85
N ASP A 103 -29.85 -23.02 13.43
CA ASP A 103 -30.25 -23.07 14.84
C ASP A 103 -29.13 -23.22 15.85
N GLY A 104 -27.99 -22.59 15.57
CA GLY A 104 -26.86 -22.59 16.48
C GLY A 104 -26.42 -23.97 16.86
N LYS A 105 -26.62 -24.90 15.94
CA LYS A 105 -26.25 -26.27 16.16
C LYS A 105 -25.66 -26.73 14.86
N THR A 106 -24.91 -27.81 14.90
CA THR A 106 -24.37 -28.33 13.67
C THR A 106 -24.99 -29.69 13.41
N VAL A 107 -25.85 -29.77 12.40
CA VAL A 107 -26.47 -31.02 11.99
C VAL A 107 -25.63 -31.64 10.87
N VAL A 108 -25.14 -32.84 11.10
CA VAL A 108 -24.22 -33.52 10.19
C VAL A 108 -24.95 -34.70 9.58
N LYS A 109 -25.12 -34.68 8.25
CA LYS A 109 -25.78 -35.75 7.53
C LYS A 109 -24.76 -36.49 6.69
N LEU A 110 -24.54 -37.77 7.01
CA LEU A 110 -23.50 -38.60 6.41
C LEU A 110 -24.09 -39.66 5.48
N SER A 111 -23.51 -39.78 4.30
CA SER A 111 -23.89 -40.78 3.31
C SER A 111 -23.11 -42.09 3.50
N LYS A 112 -21.83 -41.98 3.87
CA LYS A 112 -20.96 -43.12 4.05
C LYS A 112 -19.99 -42.83 5.19
N PRO A 113 -19.58 -43.85 5.94
CA PRO A 113 -19.77 -45.30 5.73
C PRO A 113 -21.22 -45.80 5.92
N LYS A 114 -21.85 -45.36 7.01
CA LYS A 114 -23.26 -45.62 7.29
C LYS A 114 -24.06 -44.35 7.05
N GLU A 115 -25.39 -44.49 7.01
CA GLU A 115 -26.27 -43.37 6.78
C GLU A 115 -26.74 -42.83 8.12
N ASN A 116 -26.22 -41.66 8.53
CA ASN A 116 -26.49 -41.17 9.88
C ASN A 116 -26.52 -39.66 9.95
N THR A 117 -27.32 -39.16 10.90
CA THR A 117 -27.46 -37.74 11.21
C THR A 117 -26.92 -37.46 12.60
N LEU A 118 -26.34 -36.28 12.76
CA LEU A 118 -25.75 -35.91 14.04
C LEU A 118 -25.99 -34.44 14.29
N ASP A 119 -26.72 -34.15 15.37
CA ASP A 119 -26.74 -32.79 15.91
C ASP A 119 -25.48 -32.57 16.72
N LEU A 120 -24.67 -31.60 16.32
CA LEU A 120 -23.46 -31.26 17.06
C LEU A 120 -23.51 -29.80 17.50
N LYS A 121 -22.49 -29.41 18.27
CA LYS A 121 -22.37 -28.06 18.78
C LYS A 121 -22.18 -27.10 17.63
N GLY A 122 -22.83 -25.95 17.69
CA GLY A 122 -22.71 -24.98 16.61
C GLY A 122 -21.28 -24.54 16.48
N THR A 123 -20.82 -24.41 15.24
CA THR A 123 -19.43 -24.04 14.99
C THR A 123 -19.22 -23.30 13.69
N GLN A 124 -18.02 -23.41 13.15
CA GLN A 124 -17.64 -22.79 11.88
C GLN A 124 -16.95 -23.82 11.00
N PHE A 125 -16.75 -23.49 9.74
CA PHE A 125 -16.13 -24.41 8.83
C PHE A 125 -14.78 -23.88 8.40
N PRO A 126 -14.03 -24.69 7.67
CA PRO A 126 -12.65 -24.35 7.35
C PRO A 126 -12.40 -23.04 6.65
N THR A 127 -13.18 -22.67 5.65
CA THR A 127 -12.88 -21.38 5.06
C THR A 127 -13.15 -20.22 6.02
N ARG A 128 -14.23 -20.28 6.78
CA ARG A 128 -14.55 -19.20 7.70
C ARG A 128 -13.48 -19.11 8.77
N HIS A 129 -13.13 -20.24 9.35
CA HIS A 129 -12.07 -20.34 10.34
C HIS A 129 -10.76 -19.79 9.80
N MSE A 130 -10.43 -20.11 8.57
CA MSE A 130 -9.24 -19.58 7.99
C MSE A 130 -9.39 -18.08 7.92
O MSE A 130 -8.49 -17.36 8.30
CB MSE A 130 -8.97 -20.20 6.62
CG MSE A 130 -7.53 -20.70 6.46
SE MSE A 130 -6.78 -21.70 7.98
CE MSE A 130 -8.19 -23.03 8.28
N GLU A 131 -10.56 -17.61 7.48
CA GLU A 131 -10.78 -16.16 7.34
C GLU A 131 -10.67 -15.46 8.68
N GLU A 132 -11.21 -16.08 9.73
CA GLU A 132 -11.13 -15.52 11.07
C GLU A 132 -9.69 -15.49 11.56
N LEU A 133 -8.91 -16.49 11.21
CA LEU A 133 -7.50 -16.50 11.57
C LEU A 133 -6.79 -15.31 10.97
N ILE A 134 -7.04 -15.02 9.69
CA ILE A 134 -6.40 -13.88 9.05
C ILE A 134 -6.85 -12.58 9.68
N GLY A 135 -8.15 -12.42 9.88
CA GLY A 135 -8.69 -11.21 10.45
C GLY A 135 -8.09 -10.92 11.81
N LYS A 136 -8.23 -11.88 12.71
CA LYS A 136 -7.62 -11.74 14.03
C LYS A 136 -6.16 -11.39 13.91
N ALA A 137 -5.45 -12.03 12.98
CA ALA A 137 -4.03 -11.74 12.81
C ALA A 137 -3.81 -10.31 12.32
N GLU A 138 -4.61 -9.89 11.34
CA GLU A 138 -4.47 -8.55 10.78
C GLU A 138 -4.74 -7.48 11.83
N ALA A 139 -5.70 -7.75 12.71
CA ALA A 139 -6.11 -6.88 13.81
C ALA A 139 -5.23 -7.04 15.03
N GLY A 140 -4.04 -7.59 14.86
CA GLY A 140 -3.10 -7.73 15.94
C GLY A 140 -3.27 -8.82 16.98
N GLN A 141 -4.27 -9.66 16.84
CA GLN A 141 -4.48 -10.72 17.81
C GLN A 141 -3.35 -11.75 17.68
N LYS A 142 -2.95 -12.33 18.81
CA LYS A 142 -1.88 -13.33 18.81
C LYS A 142 -2.18 -14.63 19.54
N PHE A 143 -3.32 -14.70 20.20
CA PHE A 143 -3.69 -15.90 20.93
C PHE A 143 -5.20 -15.99 21.07
N TYR A 144 -5.81 -17.11 20.69
CA TYR A 144 -7.26 -17.27 20.83
C TYR A 144 -7.74 -18.71 20.77
N GLN A 145 -8.94 -18.95 21.25
CA GLN A 145 -9.53 -20.27 21.28
C GLN A 145 -10.84 -20.24 20.51
N THR A 146 -11.09 -21.32 19.80
CA THR A 146 -12.27 -21.44 18.98
C THR A 146 -12.52 -22.91 18.69
N THR A 147 -13.53 -23.19 17.89
CA THR A 147 -13.88 -24.54 17.52
C THR A 147 -13.93 -24.63 16.02
N LEU A 148 -13.95 -25.85 15.50
CA LEU A 148 -14.05 -26.06 14.07
C LEU A 148 -14.61 -27.42 13.72
N PHE A 149 -15.22 -27.53 12.55
CA PHE A 149 -15.70 -28.81 12.04
C PHE A 149 -15.00 -28.88 10.71
N ASP A 150 -14.15 -29.87 10.51
CA ASP A 150 -13.42 -29.97 9.26
C ASP A 150 -13.69 -31.23 8.43
N ALA A 151 -14.48 -32.13 8.99
CA ALA A 151 -14.85 -33.36 8.31
C ALA A 151 -13.64 -34.23 8.03
N SER A 152 -12.66 -34.15 8.91
CA SER A 152 -11.56 -35.09 8.84
C SER A 152 -11.80 -36.24 9.82
N GLU A 153 -11.01 -37.30 9.64
CA GLU A 153 -11.24 -38.56 10.33
C GLU A 153 -12.68 -38.99 10.14
N ASP A 154 -13.44 -39.23 11.19
CA ASP A 154 -14.83 -39.68 11.02
C ASP A 154 -15.90 -38.62 10.79
N ALA A 155 -15.53 -37.35 10.84
CA ALA A 155 -16.49 -36.28 10.60
C ALA A 155 -17.65 -36.34 11.56
N ASP A 156 -17.39 -36.73 12.79
CA ASP A 156 -18.40 -36.84 13.80
C ASP A 156 -18.17 -35.95 15.01
N ARG A 157 -17.49 -34.82 14.84
CA ARG A 157 -17.30 -33.95 16.00
C ARG A 157 -16.80 -32.55 15.74
N VAL A 158 -16.87 -31.73 16.77
CA VAL A 158 -16.33 -30.37 16.75
C VAL A 158 -15.00 -30.37 17.48
N VAL A 159 -14.01 -29.70 16.92
CA VAL A 159 -12.68 -29.67 17.50
C VAL A 159 -12.39 -28.27 18.00
N ALA A 160 -11.83 -28.19 19.19
CA ALA A 160 -11.35 -26.94 19.74
C ALA A 160 -9.96 -26.67 19.19
N THR A 161 -9.76 -25.48 18.66
CA THR A 161 -8.48 -25.09 18.11
C THR A 161 -7.94 -23.81 18.77
N THR A 162 -6.69 -23.84 19.22
CA THR A 162 -6.07 -22.69 19.84
C THR A 162 -5.10 -22.15 18.84
N VAL A 163 -5.19 -20.88 18.54
CA VAL A 163 -4.31 -20.28 17.58
C VAL A 163 -3.29 -19.37 18.22
N VAL A 164 -2.02 -19.51 17.85
CA VAL A 164 -0.96 -18.66 18.35
C VAL A 164 -0.30 -18.03 17.14
N VAL A 165 -0.23 -16.70 17.10
CA VAL A 165 0.36 -15.97 15.98
C VAL A 165 1.60 -15.22 16.46
N GLY A 166 2.60 -15.12 15.56
CA GLY A 166 3.82 -14.39 15.82
C GLY A 166 3.93 -13.14 14.98
N LYS A 167 5.14 -12.62 14.88
CA LYS A 167 5.37 -11.38 14.14
C LYS A 167 5.52 -11.57 12.65
N GLN A 168 5.05 -10.60 11.88
CA GLN A 168 5.17 -10.70 10.44
C GLN A 168 6.63 -10.70 10.05
N GLN A 169 6.99 -11.62 9.18
CA GLN A 169 8.34 -11.74 8.70
C GLN A 169 8.33 -12.03 7.22
N ALA A 170 9.39 -11.66 6.52
CA ALA A 170 9.50 -11.94 5.11
C ALA A 170 10.90 -12.42 4.84
N VAL A 171 11.24 -13.62 5.28
CA VAL A 171 12.57 -14.13 5.06
C VAL A 171 12.54 -14.99 3.83
N PRO A 172 13.30 -14.61 2.79
CA PRO A 172 13.37 -15.39 1.56
C PRO A 172 14.00 -16.74 1.79
N ASP A 173 13.38 -17.78 1.25
CA ASP A 173 13.88 -19.13 1.40
C ASP A 173 13.61 -19.91 0.13
N ASP A 174 13.87 -21.20 0.16
CA ASP A 174 13.64 -22.00 -1.02
C ASP A 174 12.18 -21.91 -1.45
N GLU A 175 11.28 -21.89 -0.49
CA GLU A 175 9.87 -21.82 -0.80
C GLU A 175 9.51 -20.56 -1.55
N THR A 176 10.11 -19.44 -1.19
CA THR A 176 9.81 -18.17 -1.84
C THR A 176 10.15 -18.14 -3.32
N LYS A 177 11.27 -18.73 -3.71
CA LYS A 177 11.65 -18.67 -5.11
C LYS A 177 10.61 -19.28 -6.02
N VAL A 178 10.01 -20.37 -5.56
CA VAL A 178 8.99 -21.11 -6.28
C VAL A 178 7.71 -20.30 -6.55
N MSE A 179 7.31 -19.50 -5.57
CA MSE A 179 6.08 -18.74 -5.62
C MSE A 179 5.88 -17.65 -6.63
O MSE A 179 4.78 -17.60 -7.22
CB MSE A 179 5.90 -18.09 -4.27
CG MSE A 179 5.63 -19.14 -3.21
SE MSE A 179 4.84 -18.20 -1.69
CE MSE A 179 3.73 -16.91 -2.65
N GLY A 180 6.85 -16.77 -6.88
CA GLY A 180 6.61 -15.72 -7.85
C GLY A 180 6.27 -14.35 -7.32
N LYS A 181 5.22 -13.75 -7.84
CA LYS A 181 4.83 -12.40 -7.47
C LYS A 181 4.54 -12.20 -5.98
N PHE A 182 3.93 -13.18 -5.33
CA PHE A 182 3.67 -13.06 -3.91
C PHE A 182 4.90 -13.37 -3.07
N SER A 183 6.08 -13.53 -3.69
CA SER A 183 7.21 -14.07 -2.95
C SER A 183 7.73 -13.11 -1.90
N LYS A 184 7.49 -11.81 -2.09
CA LYS A 184 8.05 -10.77 -1.24
C LYS A 184 7.05 -10.22 -0.23
N ASP A 185 5.92 -10.90 -0.03
CA ASP A 185 4.87 -10.49 0.88
C ASP A 185 5.13 -11.03 2.29
N GLN A 186 4.56 -10.38 3.28
CA GLN A 186 4.71 -10.76 4.68
C GLN A 186 3.94 -12.01 5.03
N VAL A 187 4.40 -12.73 6.04
CA VAL A 187 3.72 -13.92 6.51
C VAL A 187 3.62 -13.85 8.01
N TRP A 188 2.70 -14.63 8.57
CA TRP A 188 2.54 -14.71 10.00
C TRP A 188 2.87 -16.13 10.39
N PRO A 189 3.73 -16.31 11.41
CA PRO A 189 3.94 -17.68 11.81
C PRO A 189 2.67 -18.07 12.54
N VAL A 190 2.14 -19.26 12.27
CA VAL A 190 0.90 -19.67 12.92
C VAL A 190 1.06 -21.09 13.42
N THR A 191 0.66 -21.30 14.67
CA THR A 191 0.56 -22.62 15.28
C THR A 191 -0.89 -22.84 15.65
N ILE A 192 -1.47 -23.93 15.17
CA ILE A 192 -2.82 -24.32 15.54
C ILE A 192 -2.72 -25.66 16.27
N ALA A 193 -3.19 -25.68 17.52
CA ALA A 193 -3.25 -26.91 18.30
C ALA A 193 -4.70 -27.35 18.41
N TYR A 194 -4.93 -28.63 18.17
CA TYR A 194 -6.26 -29.19 18.04
C TYR A 194 -6.55 -30.03 19.28
N PHE A 195 -7.66 -29.71 19.92
CA PHE A 195 -8.04 -30.37 21.14
C PHE A 195 -9.45 -30.90 21.08
N ASP A 196 -9.65 -32.03 21.70
CA ASP A 196 -10.96 -32.56 21.79
C ASP A 196 -11.25 -32.75 23.25
N ASP A 197 -12.48 -32.42 23.60
CA ASP A 197 -12.97 -32.50 24.94
C ASP A 197 -12.98 -33.89 25.53
N LYS A 198 -13.22 -34.92 24.70
CA LYS A 198 -13.45 -36.27 25.21
C LYS A 198 -12.34 -36.84 26.06
N GLU A 199 -11.12 -36.81 25.57
CA GLU A 199 -10.00 -37.23 26.41
C GLU A 199 -8.69 -36.71 25.87
N GLN A 200 -7.78 -36.37 26.76
CA GLN A 200 -6.47 -35.87 26.41
C GLN A 200 -5.52 -36.64 27.27
N GLN A 201 -4.39 -37.07 26.72
CA GLN A 201 -3.52 -37.85 27.55
C GLN A 201 -2.98 -37.07 28.74
N ASP A 202 -2.47 -35.87 28.49
CA ASP A 202 -1.95 -34.97 29.52
C ASP A 202 -2.47 -33.59 29.19
N GLY A 203 -3.70 -33.51 28.71
CA GLY A 203 -4.22 -32.24 28.26
C GLY A 203 -3.46 -31.87 27.00
N MSE A 204 -2.91 -32.89 26.34
CA MSE A 204 -2.15 -32.71 25.13
C MSE A 204 -3.08 -32.49 24.00
O MSE A 204 -4.22 -32.95 24.08
CB MSE A 204 -1.38 -34.00 24.87
CG MSE A 204 0.06 -33.90 25.35
SE MSE A 204 1.05 -35.50 24.81
CE MSE A 204 2.54 -34.70 23.81
N PRO A 205 -2.66 -31.81 22.94
CA PRO A 205 -3.59 -31.65 21.82
C PRO A 205 -3.54 -32.94 20.97
N ILE A 206 -4.61 -33.28 20.28
CA ILE A 206 -4.60 -34.49 19.47
C ILE A 206 -3.70 -34.31 18.26
N TYR A 207 -3.49 -33.08 17.81
CA TYR A 207 -2.70 -32.82 16.63
C TYR A 207 -2.30 -31.35 16.69
N ARG A 208 -1.12 -31.04 16.16
CA ARG A 208 -0.62 -29.68 16.20
C ARG A 208 0.13 -29.38 14.92
N ILE A 209 -0.14 -28.23 14.33
CA ILE A 209 0.51 -27.82 13.13
C ILE A 209 1.05 -26.40 13.18
N ASN A 210 2.27 -26.22 12.71
CA ASN A 210 2.88 -24.93 12.66
C ASN A 210 3.05 -24.55 11.20
N PHE A 211 2.66 -23.35 10.81
CA PHE A 211 2.81 -22.93 9.45
C PHE A 211 3.02 -21.44 9.32
N LYS A 212 3.52 -21.02 8.17
CA LYS A 212 3.72 -19.62 7.85
C LYS A 212 2.56 -19.25 6.94
N LEU A 213 1.78 -18.26 7.30
CA LEU A 213 0.60 -17.89 6.54
C LEU A 213 0.58 -16.51 5.91
N TYR A 214 0.14 -16.45 4.66
CA TYR A 214 0.01 -15.21 3.89
C TYR A 214 -1.37 -14.61 4.09
N ARG A 215 -1.46 -13.30 3.88
CA ARG A 215 -2.75 -12.63 3.96
C ARG A 215 -3.78 -13.20 2.98
N ASN A 216 -3.34 -13.81 1.88
CA ASN A 216 -4.24 -14.31 0.85
C ASN A 216 -4.55 -15.79 1.00
N GLY A 217 -4.29 -16.35 2.17
CA GLY A 217 -4.62 -17.72 2.47
C GLY A 217 -3.52 -18.72 2.16
N ILE A 218 -2.54 -18.35 1.34
CA ILE A 218 -1.49 -19.30 1.02
C ILE A 218 -0.75 -19.63 2.30
N THR A 219 -0.20 -20.82 2.39
CA THR A 219 0.61 -21.23 3.52
C THR A 219 1.79 -22.03 3.02
N ARG A 220 2.84 -22.10 3.84
CA ARG A 220 4.04 -22.81 3.46
C ARG A 220 4.74 -23.25 4.73
N ASP A 221 5.91 -23.85 4.60
CA ASP A 221 6.73 -24.20 5.76
C ASP A 221 5.97 -24.95 6.81
N MSE A 222 5.16 -25.90 6.41
CA MSE A 222 4.36 -26.65 7.34
C MSE A 222 5.10 -27.65 8.14
O MSE A 222 6.12 -28.15 7.71
CB MSE A 222 3.30 -27.45 6.61
CG MSE A 222 3.28 -27.20 5.12
SE MSE A 222 1.42 -26.84 4.79
CE MSE A 222 0.74 -28.52 5.52
N THR A 223 4.62 -27.88 9.34
CA THR A 223 5.16 -28.91 10.18
C THR A 223 3.96 -29.49 10.86
N MSE A 224 3.82 -30.80 10.83
CA MSE A 224 2.68 -31.41 11.46
C MSE A 224 3.14 -32.30 12.54
O MSE A 224 3.85 -33.26 12.26
CB MSE A 224 1.90 -32.14 10.38
CG MSE A 224 1.47 -31.07 9.40
SE MSE A 224 1.26 -31.72 7.58
CE MSE A 224 -0.47 -32.56 7.94
N ASP A 225 2.71 -32.05 13.77
CA ASP A 225 3.08 -32.87 14.89
C ASP A 225 1.90 -33.75 15.15
N TYR A 226 2.11 -35.04 14.98
CA TYR A 226 1.09 -36.05 15.16
C TYR A 226 1.22 -36.73 16.48
N GLY A 227 2.13 -36.26 17.31
CA GLY A 227 2.38 -36.87 18.60
C GLY A 227 3.72 -37.54 18.56
N ASP A 228 3.71 -38.85 18.35
CA ASP A 228 4.94 -39.62 18.31
C ASP A 228 5.84 -39.17 17.19
N PHE A 229 5.28 -38.85 16.03
CA PHE A 229 6.07 -38.43 14.89
C PHE A 229 5.59 -37.14 14.26
N SER A 230 6.49 -36.38 13.67
CA SER A 230 6.14 -35.15 13.01
C SER A 230 6.60 -35.20 11.55
N MSE A 231 5.89 -34.45 10.72
CA MSE A 231 6.17 -34.36 9.31
C MSE A 231 6.42 -32.94 8.95
O MSE A 231 5.99 -32.03 9.67
CB MSE A 231 4.94 -34.75 8.53
CG MSE A 231 4.52 -36.17 8.78
SE MSE A 231 3.04 -36.50 7.54
CE MSE A 231 3.41 -34.97 6.39
N ARG A 232 7.16 -32.75 7.86
CA ARG A 232 7.49 -31.43 7.36
C ARG A 232 6.87 -31.30 5.99
N GLY A 233 6.35 -30.12 5.67
CA GLY A 233 5.80 -29.90 4.36
C GLY A 233 6.39 -28.66 3.76
N LYS A 234 7.12 -28.80 2.67
CA LYS A 234 7.71 -27.63 2.05
C LYS A 234 7.11 -27.39 0.67
N LEU A 235 6.65 -26.18 0.43
CA LEU A 235 6.06 -25.84 -0.84
C LEU A 235 7.10 -25.94 -1.92
N VAL A 236 6.76 -26.62 -2.99
CA VAL A 236 7.69 -26.80 -4.10
C VAL A 236 7.15 -26.26 -5.42
N LYS A 237 5.90 -25.83 -5.48
CA LYS A 237 5.37 -25.24 -6.70
C LYS A 237 4.06 -24.53 -6.38
N LEU A 238 3.87 -23.35 -6.94
CA LEU A 238 2.70 -22.54 -6.62
C LEU A 238 2.13 -21.96 -7.90
N ASP A 239 0.86 -22.24 -8.15
CA ASP A 239 0.17 -21.78 -9.34
C ASP A 239 -0.95 -20.86 -8.92
N ILE A 240 -0.89 -19.62 -9.38
CA ILE A 240 -1.82 -18.58 -9.02
C ILE A 240 -2.85 -18.46 -10.13
N TYR A 241 -4.12 -18.68 -9.81
CA TYR A 241 -5.18 -18.60 -10.80
C TYR A 241 -5.69 -17.16 -10.89
N ASP A 242 -6.44 -16.89 -11.96
CA ASP A 242 -6.90 -15.53 -12.28
C ASP A 242 -7.89 -14.95 -11.26
N VAL B 3 44.15 -18.20 6.77
CA VAL B 3 44.20 -16.75 6.67
C VAL B 3 44.41 -16.17 8.05
N ARG B 4 45.22 -15.11 8.14
CA ARG B 4 45.55 -14.50 9.44
C ARG B 4 45.48 -12.99 9.27
N LEU B 5 44.27 -12.45 9.39
CA LEU B 5 44.08 -11.01 9.37
C LEU B 5 44.96 -10.37 10.43
N VAL B 6 45.74 -9.39 10.03
CA VAL B 6 46.69 -8.82 10.97
C VAL B 6 46.01 -7.67 11.69
N PRO B 7 46.22 -7.53 13.00
CA PRO B 7 45.73 -6.34 13.68
C PRO B 7 46.50 -5.13 13.20
N HIS B 8 45.81 -4.00 13.09
CA HIS B 8 46.43 -2.78 12.61
C HIS B 8 45.51 -1.61 12.91
N ARG B 9 46.05 -0.40 12.78
CA ARG B 9 45.23 0.81 12.78
C ARG B 9 45.55 1.54 11.49
N ALA B 10 44.52 1.77 10.70
CA ALA B 10 44.64 2.48 9.43
C ALA B 10 43.86 3.77 9.49
N ILE B 11 44.55 4.86 9.25
CA ILE B 11 43.95 6.17 9.07
C ILE B 11 43.90 6.45 7.58
N TYR B 12 42.78 6.98 7.12
CA TYR B 12 42.69 7.33 5.71
C TYR B 12 42.29 8.77 5.58
N ASP B 13 42.82 9.42 4.53
CA ASP B 13 42.40 10.75 4.12
C ASP B 13 41.27 10.62 3.10
N LEU B 14 40.15 11.30 3.34
CA LEU B 14 38.95 11.14 2.53
C LEU B 14 38.78 12.32 1.58
N THR B 15 38.75 12.02 0.29
CA THR B 15 38.49 13.00 -0.74
C THR B 15 37.18 12.70 -1.46
N LEU B 16 36.64 13.71 -2.14
CA LEU B 16 35.42 13.58 -2.95
C LEU B 16 35.81 13.22 -4.38
N ASP B 17 35.55 11.99 -4.78
CA ASP B 17 35.79 11.60 -6.15
C ASP B 17 34.82 12.18 -7.18
N ARG B 18 33.54 12.20 -6.86
CA ARG B 18 32.51 12.74 -7.73
C ARG B 18 31.25 13.12 -7.00
N ALA B 19 30.45 13.98 -7.62
CA ALA B 19 29.18 14.40 -7.02
C ALA B 19 28.06 14.57 -8.06
N ASP B 20 26.82 14.47 -7.61
CA ASP B 20 25.64 14.59 -8.44
C ASP B 20 25.01 15.88 -8.02
N GLU B 21 24.55 16.69 -8.96
CA GLU B 21 23.98 17.95 -8.57
C GLU B 21 22.85 17.78 -7.60
N LYS B 22 22.20 16.64 -7.64
CA LYS B 22 21.06 16.40 -6.75
C LYS B 22 21.50 16.30 -5.30
N SER B 23 22.69 15.74 -5.07
CA SER B 23 23.27 15.64 -3.75
C SER B 23 23.45 17.00 -3.09
N GLY B 24 23.93 17.98 -3.85
CA GLY B 24 24.19 19.29 -3.28
C GLY B 24 25.51 19.42 -2.56
N ILE B 25 26.46 18.55 -2.85
CA ILE B 25 27.75 18.51 -2.17
C ILE B 25 28.71 19.35 -3.00
N SER B 26 28.86 20.62 -2.61
CA SER B 26 29.90 21.47 -3.20
C SER B 26 31.27 20.90 -2.92
N GLY B 27 31.52 20.46 -1.69
CA GLY B 27 32.80 19.89 -1.32
C GLY B 27 32.70 18.97 -0.13
N LEU B 28 33.72 18.11 0.00
CA LEU B 28 33.80 17.14 1.07
C LEU B 28 35.26 16.84 1.37
N THR B 29 35.59 16.87 2.66
CA THR B 29 36.92 16.54 3.17
C THR B 29 36.68 15.71 4.44
N GLY B 30 37.56 14.76 4.73
CA GLY B 30 37.35 13.93 5.90
C GLY B 30 38.44 12.96 6.30
N ARG B 31 38.22 12.26 7.39
CA ARG B 31 39.17 11.26 7.87
C ARG B 31 38.44 10.06 8.45
N MSE B 32 39.00 8.88 8.23
CA MSE B 32 38.48 7.65 8.76
C MSE B 32 39.61 6.92 9.39
O MSE B 32 40.68 6.79 8.77
CB MSE B 32 37.89 6.83 7.62
CG MSE B 32 38.64 5.53 7.39
SE MSE B 32 37.38 4.07 7.62
CE MSE B 32 37.29 3.74 5.70
N VAL B 33 39.40 6.43 10.61
CA VAL B 33 40.42 5.70 11.33
C VAL B 33 39.92 4.28 11.41
N TYR B 34 40.76 3.31 11.12
CA TYR B 34 40.26 1.93 11.16
C TYR B 34 41.24 1.08 11.92
N GLU B 35 40.74 0.30 12.87
CA GLU B 35 41.54 -0.50 13.80
C GLU B 35 40.94 -1.88 13.95
N PHE B 36 41.71 -2.89 13.58
CA PHE B 36 41.28 -4.27 13.68
C PHE B 36 42.12 -4.98 14.72
N ASN B 37 41.50 -5.85 15.50
CA ASN B 37 42.31 -6.60 16.45
C ASN B 37 41.55 -7.86 16.82
N GLY B 38 42.30 -8.84 17.26
CA GLY B 38 41.73 -10.10 17.68
C GLY B 38 42.51 -11.25 17.11
N SER B 39 41.85 -12.41 17.08
CA SER B 39 42.45 -13.64 16.61
C SER B 39 41.41 -14.74 16.75
N ALA B 40 41.65 -15.84 16.05
CA ALA B 40 40.70 -16.95 15.97
C ALA B 40 40.24 -17.46 17.33
N CYS B 41 40.97 -17.16 18.40
CA CYS B 41 40.66 -17.74 19.69
C CYS B 41 39.76 -16.86 20.54
N GLU B 42 39.89 -15.53 20.43
CA GLU B 42 39.27 -14.62 21.39
C GLU B 42 38.29 -13.65 20.75
N GLY B 43 37.92 -13.88 19.50
CA GLY B 43 37.02 -12.97 18.80
C GLY B 43 37.76 -11.82 18.14
N TYR B 44 37.01 -11.09 17.30
CA TYR B 44 37.56 -9.99 16.50
C TYR B 44 36.86 -8.69 16.86
N THR B 45 37.63 -7.66 17.14
CA THR B 45 37.07 -6.38 17.53
C THR B 45 37.45 -5.33 16.54
N THR B 46 36.47 -4.55 16.13
CA THR B 46 36.71 -3.50 15.17
C THR B 46 36.29 -2.16 15.67
N ASN B 47 37.16 -1.18 15.53
CA ASN B 47 36.82 0.18 15.91
C ASN B 47 37.16 1.05 14.76
N PHE B 48 36.22 1.85 14.29
CA PHE B 48 36.53 2.78 13.21
C PHE B 48 35.76 4.07 13.33
N ARG B 49 36.46 5.18 13.16
CA ARG B 49 35.86 6.49 13.18
C ARG B 49 35.67 6.95 11.75
N PHE B 50 34.54 7.56 11.46
CA PHE B 50 34.35 8.12 10.14
C PHE B 50 34.01 9.58 10.34
N VAL B 51 34.79 10.45 9.73
CA VAL B 51 34.60 11.87 9.89
C VAL B 51 34.64 12.63 8.58
N THR B 52 33.60 13.39 8.31
CA THR B 52 33.55 14.18 7.10
C THR B 52 32.93 15.53 7.35
N ARG B 53 33.38 16.52 6.59
CA ARG B 53 32.82 17.86 6.67
C ARG B 53 32.42 18.14 5.25
N VAL B 54 31.14 18.39 5.02
CA VAL B 54 30.64 18.61 3.68
C VAL B 54 30.32 20.03 3.31
N ASP B 55 30.93 20.48 2.23
CA ASP B 55 30.70 21.83 1.79
C ASP B 55 29.43 21.80 0.97
N MSE B 56 28.39 22.42 1.51
CA MSE B 56 27.12 22.52 0.84
C MSE B 56 27.04 24.00 0.73
O MSE B 56 27.27 24.66 1.75
CB MSE B 56 26.03 22.03 1.78
CG MSE B 56 25.82 20.52 1.73
SE MSE B 56 23.89 20.14 1.83
CE MSE B 56 23.88 18.53 2.95
N ASP B 57 26.76 24.57 -0.43
CA ASP B 57 26.71 26.03 -0.52
C ASP B 57 25.58 26.65 0.31
N GLU B 58 24.39 26.06 0.27
CA GLU B 58 23.27 26.61 1.02
C GLU B 58 23.39 26.56 2.53
N GLN B 59 23.75 25.40 3.08
CA GLN B 59 23.91 25.30 4.51
C GLN B 59 25.28 25.89 4.61
N PRO B 60 25.65 26.48 5.75
CA PRO B 60 27.00 27.02 5.68
C PRO B 60 28.05 25.94 5.50
N GLN B 61 27.94 24.90 6.32
CA GLN B 61 28.81 23.75 6.34
C GLN B 61 28.18 22.70 7.26
N ARG B 62 28.64 21.46 7.17
CA ARG B 62 28.11 20.43 8.06
C ARG B 62 29.21 19.53 8.55
N VAL B 63 29.08 19.03 9.76
CA VAL B 63 30.09 18.11 10.29
C VAL B 63 29.46 16.80 10.72
N THR B 64 30.00 15.72 10.19
CA THR B 64 29.49 14.40 10.52
C THR B 64 30.61 13.54 11.09
N ASP B 65 30.33 12.83 12.18
CA ASP B 65 31.37 12.05 12.84
C ASP B 65 30.76 10.80 13.44
N GLN B 66 31.03 9.65 12.83
CA GLN B 66 30.38 8.38 13.20
C GLN B 66 31.40 7.48 13.87
N GLN B 67 30.99 6.83 14.95
CA GLN B 67 31.88 6.00 15.75
C GLN B 67 31.24 4.65 15.93
N THR B 68 31.97 3.60 15.58
CA THR B 68 31.43 2.26 15.53
C THR B 68 32.39 1.31 16.24
N THR B 69 31.82 0.39 16.99
CA THR B 69 32.57 -0.62 17.69
C THR B 69 31.86 -1.96 17.52
N THR B 70 32.56 -3.01 17.10
CA THR B 70 31.93 -4.30 16.93
C THR B 70 32.79 -5.47 17.42
N PHE B 71 32.13 -6.53 17.85
CA PHE B 71 32.80 -7.73 18.24
C PHE B 71 32.13 -8.86 17.48
N GLU B 72 32.89 -9.64 16.75
CA GLU B 72 32.37 -10.77 15.99
C GLU B 72 33.04 -11.91 16.67
N ASP B 73 32.29 -12.89 17.14
CA ASP B 73 32.86 -14.05 17.83
C ASP B 73 33.63 -15.02 16.95
N ALA B 74 34.63 -15.66 17.55
CA ALA B 74 35.48 -16.57 16.78
C ALA B 74 34.67 -17.62 16.03
N ASP B 75 33.58 -18.07 16.64
CA ASP B 75 32.65 -18.98 16.00
C ASP B 75 31.87 -18.34 14.87
N GLY B 76 31.88 -17.01 14.76
CA GLY B 76 31.07 -16.33 13.77
C GLY B 76 29.57 -16.44 13.97
N LYS B 77 29.10 -16.84 15.14
CA LYS B 77 27.67 -16.94 15.39
C LYS B 77 27.10 -15.78 16.17
N ASP B 78 27.91 -14.86 16.66
CA ASP B 78 27.41 -13.70 17.37
C ASP B 78 28.13 -12.47 16.86
N PHE B 79 27.45 -11.31 16.94
CA PHE B 79 27.96 -10.06 16.39
C PHE B 79 27.33 -8.90 17.18
N ARG B 80 28.10 -8.31 18.09
N ARG B 80 28.10 -8.31 18.09
CA ARG B 80 27.69 -7.09 18.80
CA ARG B 80 27.69 -7.09 18.79
C ARG B 80 28.15 -5.86 18.02
C ARG B 80 28.14 -5.87 18.01
N PHE B 81 27.41 -4.77 18.17
CA PHE B 81 27.71 -3.55 17.43
C PHE B 81 27.10 -2.32 18.09
N VAL B 82 27.75 -1.17 17.89
CA VAL B 82 27.19 0.14 18.22
C VAL B 82 27.67 1.14 17.18
N ASN B 83 26.73 1.86 16.55
CA ASN B 83 27.04 3.00 15.69
C ASN B 83 26.52 4.26 16.35
N LYS B 84 27.42 5.20 16.61
CA LYS B 84 27.07 6.49 17.16
C LYS B 84 27.42 7.55 16.14
N THR B 85 26.54 8.54 16.01
CA THR B 85 26.69 9.55 14.97
C THR B 85 26.69 10.93 15.60
N PHE B 86 27.60 11.79 15.16
CA PHE B 86 27.75 13.13 15.70
C PHE B 86 27.76 14.14 14.57
N VAL B 87 26.72 14.93 14.44
CA VAL B 87 26.71 15.96 13.42
C VAL B 87 26.65 17.26 14.21
N ASP B 88 27.69 18.07 14.09
CA ASP B 88 27.75 19.31 14.84
C ASP B 88 27.89 19.07 16.32
N LYS B 89 28.59 17.99 16.67
CA LYS B 89 28.93 17.67 18.05
C LYS B 89 27.84 17.09 18.91
N GLU B 90 26.70 16.81 18.32
CA GLU B 90 25.61 16.27 19.10
C GLU B 90 25.25 14.87 18.62
N LEU B 91 24.82 14.01 19.54
CA LEU B 91 24.51 12.65 19.19
C LEU B 91 23.15 12.62 18.53
N VAL B 92 23.17 12.54 17.20
CA VAL B 92 21.94 12.56 16.44
C VAL B 92 21.30 11.18 16.31
N LYS B 93 22.03 10.10 16.62
CA LYS B 93 21.55 8.75 16.32
C LYS B 93 22.42 7.69 17.00
N GLU B 94 21.81 6.78 17.75
CA GLU B 94 22.56 5.69 18.40
C GLU B 94 21.93 4.34 18.11
N VAL B 95 22.56 3.57 17.22
CA VAL B 95 22.20 2.19 16.91
C VAL B 95 23.10 1.27 17.71
N ARG B 96 22.50 0.31 18.40
CA ARG B 96 23.25 -0.63 19.22
C ARG B 96 22.53 -1.96 19.15
N GLY B 97 23.28 -3.06 19.20
CA GLY B 97 22.59 -4.34 19.17
C GLY B 97 23.53 -5.52 19.12
N ASP B 98 22.89 -6.69 19.02
CA ASP B 98 23.48 -8.01 19.02
C ASP B 98 22.94 -8.72 17.80
N ALA B 99 23.68 -9.71 17.28
CA ALA B 99 23.18 -10.50 16.15
C ALA B 99 23.77 -11.90 16.18
N LYS B 100 22.91 -12.90 16.11
CA LYS B 100 23.35 -14.28 16.12
C LYS B 100 22.72 -15.04 14.96
N LEU B 101 23.45 -16.01 14.42
CA LEU B 101 22.92 -16.79 13.33
C LEU B 101 22.57 -18.13 13.91
N GLU B 102 21.31 -18.50 13.80
CA GLU B 102 20.90 -19.80 14.27
C GLU B 102 19.69 -20.32 13.53
N ASP B 103 19.56 -21.63 13.44
CA ASP B 103 18.42 -22.26 12.80
C ASP B 103 18.14 -21.63 11.42
N GLY B 104 19.20 -21.54 10.62
CA GLY B 104 19.09 -21.08 9.26
C GLY B 104 18.76 -19.61 9.14
N LYS B 105 18.81 -18.86 10.23
CA LYS B 105 18.50 -17.43 10.14
C LYS B 105 19.33 -16.55 11.07
N THR B 106 19.27 -15.23 10.86
CA THR B 106 19.99 -14.35 11.75
C THR B 106 18.95 -13.44 12.37
N VAL B 107 18.95 -13.41 13.69
CA VAL B 107 18.02 -12.59 14.42
C VAL B 107 18.79 -11.48 15.09
N VAL B 108 18.30 -10.27 14.91
CA VAL B 108 18.92 -9.09 15.46
C VAL B 108 18.18 -8.54 16.65
N LYS B 109 18.75 -8.65 17.84
CA LYS B 109 18.10 -8.13 19.00
C LYS B 109 18.69 -6.77 19.22
N LEU B 110 17.97 -5.75 18.80
CA LEU B 110 18.43 -4.39 18.97
C LEU B 110 17.97 -3.88 20.33
N SER B 111 18.84 -3.10 20.96
CA SER B 111 18.51 -2.34 22.16
C SER B 111 18.14 -0.91 21.80
N LYS B 112 19.00 -0.26 21.06
CA LYS B 112 18.80 1.12 20.67
C LYS B 112 18.60 1.20 19.16
N PRO B 113 17.81 2.17 18.68
CA PRO B 113 17.05 3.12 19.51
C PRO B 113 15.83 2.51 20.18
N LYS B 114 15.13 1.66 19.45
CA LYS B 114 13.95 1.03 20.00
C LYS B 114 14.19 -0.45 20.10
N GLU B 115 13.88 -1.03 21.26
CA GLU B 115 14.08 -2.43 21.48
C GLU B 115 13.21 -3.26 20.54
N ASN B 116 13.80 -4.26 19.88
CA ASN B 116 13.04 -5.11 18.97
C ASN B 116 13.80 -6.37 18.55
N THR B 117 13.12 -7.34 18.00
CA THR B 117 13.78 -8.58 17.61
C THR B 117 13.46 -9.09 16.21
N LEU B 118 14.13 -8.56 15.21
CA LEU B 118 13.92 -8.97 13.82
C LEU B 118 14.41 -10.36 13.50
N ASP B 119 13.74 -11.04 12.60
CA ASP B 119 14.17 -12.35 12.18
C ASP B 119 14.74 -12.11 10.80
N LEU B 120 15.96 -12.53 10.56
CA LEU B 120 16.57 -12.28 9.26
C LEU B 120 17.17 -13.51 8.60
N LYS B 121 17.32 -13.43 7.30
CA LYS B 121 17.85 -14.53 6.53
C LYS B 121 19.19 -14.91 7.12
N GLY B 122 19.47 -16.21 7.19
CA GLY B 122 20.72 -16.68 7.75
C GLY B 122 21.80 -16.04 6.92
N THR B 123 22.83 -15.55 7.57
CA THR B 123 23.86 -14.81 6.88
C THR B 123 25.25 -14.95 7.43
N GLN B 124 26.08 -13.98 7.10
CA GLN B 124 27.46 -13.91 7.51
C GLN B 124 27.71 -12.56 8.18
N PHE B 125 28.79 -12.49 8.94
CA PHE B 125 29.21 -11.27 9.63
C PHE B 125 30.43 -10.73 8.92
N PRO B 126 30.80 -9.48 9.15
CA PRO B 126 31.86 -8.88 8.33
C PRO B 126 33.20 -9.61 8.30
N THR B 127 33.64 -10.27 9.37
CA THR B 127 35.02 -10.75 9.35
C THR B 127 35.12 -12.07 8.60
N ARG B 128 34.14 -12.94 8.76
CA ARG B 128 34.14 -14.21 8.03
C ARG B 128 34.03 -13.86 6.54
N HIS B 129 33.13 -12.94 6.21
CA HIS B 129 33.02 -12.47 4.84
C HIS B 129 34.35 -11.96 4.31
N MSE B 130 35.11 -11.23 5.13
CA MSE B 130 36.49 -10.87 4.84
C MSE B 130 37.27 -12.12 4.53
O MSE B 130 37.92 -12.24 3.49
CB MSE B 130 37.13 -10.18 6.05
CG MSE B 130 38.17 -9.13 5.74
SE MSE B 130 37.59 -7.73 4.55
CE MSE B 130 38.99 -6.43 4.91
N GLU B 131 37.22 -13.05 5.48
CA GLU B 131 38.01 -14.28 5.37
C GLU B 131 37.56 -15.11 4.19
N GLU B 132 36.26 -15.10 3.88
CA GLU B 132 35.76 -15.80 2.70
C GLU B 132 36.39 -15.24 1.43
N LEU B 133 36.35 -13.93 1.27
CA LEU B 133 36.90 -13.34 0.07
C LEU B 133 38.40 -13.59 -0.07
N ILE B 134 39.15 -13.54 1.01
CA ILE B 134 40.57 -13.80 0.90
C ILE B 134 40.80 -15.23 0.41
N GLY B 135 40.02 -16.16 0.92
CA GLY B 135 40.19 -17.54 0.53
C GLY B 135 39.91 -17.78 -0.94
N LYS B 136 38.83 -17.21 -1.45
CA LYS B 136 38.49 -17.34 -2.85
C LYS B 136 39.52 -16.64 -3.70
N ALA B 137 39.96 -15.48 -3.25
CA ALA B 137 40.97 -14.72 -3.93
C ALA B 137 42.23 -15.57 -3.95
N GLU B 138 42.40 -16.35 -2.89
CA GLU B 138 43.52 -17.27 -2.82
C GLU B 138 43.40 -18.36 -3.89
N ALA B 139 42.18 -18.83 -4.09
CA ALA B 139 41.86 -19.87 -5.04
C ALA B 139 41.78 -19.33 -6.45
N GLY B 140 41.95 -18.02 -6.55
CA GLY B 140 41.94 -17.31 -7.81
C GLY B 140 40.55 -16.96 -8.26
N GLN B 141 39.54 -17.27 -7.46
CA GLN B 141 38.16 -17.00 -7.84
C GLN B 141 38.04 -15.56 -8.24
N LYS B 142 37.22 -15.31 -9.27
CA LYS B 142 37.09 -13.96 -9.81
C LYS B 142 35.71 -13.35 -9.59
N PHE B 143 34.68 -14.16 -9.33
CA PHE B 143 33.30 -13.68 -9.37
C PHE B 143 32.44 -14.60 -8.53
N TYR B 144 31.73 -14.04 -7.56
CA TYR B 144 30.76 -14.82 -6.80
C TYR B 144 29.81 -13.86 -6.08
N GLN B 145 28.81 -14.44 -5.41
CA GLN B 145 27.76 -13.72 -4.69
C GLN B 145 27.64 -14.21 -3.25
N THR B 146 27.37 -13.28 -2.33
CA THR B 146 27.18 -13.64 -0.93
C THR B 146 26.11 -12.74 -0.34
N THR B 147 25.87 -12.93 0.95
CA THR B 147 25.13 -11.99 1.78
C THR B 147 26.01 -11.51 2.92
N LEU B 148 25.61 -10.38 3.50
CA LEU B 148 26.42 -9.75 4.53
C LEU B 148 25.48 -9.06 5.48
N PHE B 149 25.85 -9.09 6.75
CA PHE B 149 25.19 -8.31 7.77
C PHE B 149 26.28 -7.46 8.44
N ASP B 150 26.45 -6.25 7.94
CA ASP B 150 27.48 -5.37 8.45
C ASP B 150 27.07 -4.45 9.61
N ALA B 151 25.79 -4.44 9.93
CA ALA B 151 25.26 -3.61 11.01
C ALA B 151 25.45 -2.14 10.72
N SER B 152 25.53 -1.80 9.44
CA SER B 152 25.72 -0.43 9.02
C SER B 152 24.43 0.38 9.13
N GLU B 153 24.55 1.69 9.30
CA GLU B 153 23.37 2.52 9.36
C GLU B 153 22.42 1.98 10.42
N ASP B 154 21.18 1.70 10.00
CA ASP B 154 20.14 1.18 10.87
C ASP B 154 20.36 -0.24 11.34
N ALA B 155 21.30 -0.95 10.73
CA ALA B 155 21.57 -2.32 11.16
C ALA B 155 20.34 -3.22 11.16
N ASP B 156 19.52 -3.10 10.13
CA ASP B 156 18.29 -3.87 10.02
C ASP B 156 18.14 -4.75 8.79
N ARG B 157 19.07 -4.65 7.87
CA ARG B 157 18.97 -5.41 6.64
C ARG B 157 20.13 -6.31 6.30
N VAL B 158 19.82 -7.45 5.72
CA VAL B 158 20.83 -8.36 5.27
C VAL B 158 21.01 -7.88 3.87
N VAL B 159 22.25 -7.65 3.47
CA VAL B 159 22.53 -7.16 2.15
C VAL B 159 23.11 -8.25 1.28
N ALA B 160 23.07 -8.00 -0.01
CA ALA B 160 23.55 -8.95 -1.00
C ALA B 160 24.83 -8.38 -1.61
N THR B 161 25.84 -9.21 -1.70
CA THR B 161 27.13 -8.78 -2.20
C THR B 161 27.52 -9.68 -3.36
N THR B 162 28.10 -9.08 -4.39
CA THR B 162 28.72 -9.83 -5.47
C THR B 162 30.15 -9.31 -5.58
N VAL B 163 31.11 -10.22 -5.62
CA VAL B 163 32.52 -9.89 -5.51
C VAL B 163 33.23 -10.17 -6.82
N VAL B 164 34.03 -9.22 -7.26
CA VAL B 164 34.78 -9.36 -8.49
C VAL B 164 36.24 -9.14 -8.13
N VAL B 165 37.06 -10.14 -8.37
CA VAL B 165 38.48 -10.04 -8.04
C VAL B 165 39.33 -9.89 -9.28
N GLY B 166 40.20 -8.89 -9.26
CA GLY B 166 41.07 -8.61 -10.38
C GLY B 166 42.34 -9.43 -10.35
N LYS B 167 43.36 -8.95 -11.04
CA LYS B 167 44.62 -9.70 -11.14
C LYS B 167 45.66 -9.08 -10.24
N GLN B 168 46.34 -9.93 -9.47
CA GLN B 168 47.33 -9.50 -8.49
C GLN B 168 48.53 -8.72 -8.98
N GLN B 169 48.86 -7.65 -8.27
CA GLN B 169 50.01 -6.79 -8.60
C GLN B 169 50.49 -6.00 -7.41
N ALA B 170 51.72 -5.54 -7.44
CA ALA B 170 52.26 -4.76 -6.34
C ALA B 170 53.02 -3.51 -6.73
N VAL B 171 52.33 -2.45 -7.14
CA VAL B 171 53.05 -1.26 -7.51
C VAL B 171 53.08 -0.27 -6.38
N PRO B 172 54.26 0.01 -5.83
CA PRO B 172 54.38 0.96 -4.72
C PRO B 172 54.04 2.40 -5.09
N ASP B 173 53.38 3.07 -4.16
CA ASP B 173 52.94 4.46 -4.24
C ASP B 173 52.82 5.14 -2.87
N ASP B 174 52.59 6.44 -2.90
CA ASP B 174 52.54 7.29 -1.73
C ASP B 174 51.87 6.66 -0.51
N GLU B 175 50.79 5.93 -0.69
CA GLU B 175 50.13 5.30 0.44
C GLU B 175 51.02 4.26 1.12
N THR B 176 51.72 3.48 0.33
CA THR B 176 52.61 2.43 0.83
C THR B 176 53.76 2.99 1.65
N LYS B 177 54.34 4.09 1.19
CA LYS B 177 55.46 4.70 1.88
C LYS B 177 55.18 4.85 3.37
N VAL B 178 53.92 5.08 3.70
CA VAL B 178 53.45 5.20 5.08
C VAL B 178 53.44 3.82 5.75
N MSE B 179 53.43 2.80 4.92
CA MSE B 179 53.32 1.41 5.30
C MSE B 179 54.47 0.79 6.04
O MSE B 179 54.24 -0.09 6.89
CB MSE B 179 52.84 0.60 4.11
CG MSE B 179 51.53 1.27 3.71
SE MSE B 179 50.41 -0.07 2.83
CE MSE B 179 49.85 -1.10 4.39
N GLY B 180 55.70 1.17 5.73
CA GLY B 180 56.83 0.61 6.44
C GLY B 180 57.12 -0.85 6.14
N LYS B 181 56.74 -1.71 7.07
CA LYS B 181 56.98 -3.13 6.95
C LYS B 181 56.33 -3.76 5.72
N PHE B 182 55.11 -3.33 5.38
CA PHE B 182 54.39 -3.88 4.24
C PHE B 182 54.44 -3.06 2.95
N SER B 183 55.27 -2.04 2.89
CA SER B 183 55.34 -1.14 1.73
C SER B 183 55.55 -1.92 0.44
N LYS B 184 56.12 -3.10 0.52
CA LYS B 184 56.52 -3.87 -0.65
C LYS B 184 55.59 -5.02 -0.97
N ASP B 185 54.55 -5.23 -0.17
CA ASP B 185 53.65 -6.35 -0.39
C ASP B 185 52.66 -6.06 -1.52
N GLN B 186 52.02 -7.11 -2.01
CA GLN B 186 51.11 -7.06 -3.15
C GLN B 186 49.67 -6.91 -2.70
N VAL B 187 48.83 -6.47 -3.62
CA VAL B 187 47.43 -6.25 -3.33
C VAL B 187 46.52 -6.74 -4.44
N TRP B 188 45.29 -7.05 -4.08
CA TRP B 188 44.31 -7.50 -5.03
C TRP B 188 43.39 -6.35 -5.29
N PRO B 189 43.12 -6.05 -6.56
CA PRO B 189 42.12 -5.01 -6.76
C PRO B 189 40.83 -5.77 -6.63
N VAL B 190 39.93 -5.29 -5.77
CA VAL B 190 38.68 -5.93 -5.53
C VAL B 190 37.54 -4.96 -5.70
N THR B 191 36.38 -5.51 -5.99
CA THR B 191 35.16 -4.73 -6.12
C THR B 191 34.01 -5.51 -5.51
N ILE B 192 33.30 -4.86 -4.61
CA ILE B 192 32.13 -5.44 -3.95
C ILE B 192 30.95 -4.52 -4.20
N ALA B 193 29.82 -5.10 -4.60
CA ALA B 193 28.62 -4.36 -4.90
C ALA B 193 27.50 -4.81 -3.96
N TYR B 194 26.84 -3.83 -3.33
CA TYR B 194 25.84 -4.10 -2.32
C TYR B 194 24.47 -3.88 -2.94
N PHE B 195 23.61 -4.86 -2.81
CA PHE B 195 22.28 -4.77 -3.35
C PHE B 195 21.29 -5.10 -2.28
N ASP B 196 20.17 -4.42 -2.31
CA ASP B 196 19.08 -4.70 -1.42
C ASP B 196 17.92 -4.73 -2.36
N ASP B 197 16.95 -5.58 -2.12
CA ASP B 197 15.81 -5.70 -3.03
C ASP B 197 15.08 -4.36 -3.13
N LYS B 198 15.01 -3.69 -2.00
CA LYS B 198 14.39 -2.37 -1.86
C LYS B 198 15.29 -1.28 -2.47
N ASP B 202 17.35 1.37 -11.80
CA ASP B 202 16.21 0.63 -11.27
C ASP B 202 16.65 -0.74 -10.74
N GLY B 203 17.74 -1.28 -11.31
CA GLY B 203 18.32 -2.53 -10.86
C GLY B 203 19.77 -2.37 -10.42
N MSE B 204 20.06 -1.32 -9.67
CA MSE B 204 21.43 -0.96 -9.36
C MSE B 204 21.83 -1.15 -7.90
O MSE B 204 20.97 -1.33 -7.03
CB MSE B 204 21.63 0.48 -9.79
CG MSE B 204 21.26 0.66 -11.20
SE MSE B 204 21.22 2.54 -11.56
CE MSE B 204 19.96 3.06 -10.17
N PRO B 205 23.12 -1.13 -7.59
CA PRO B 205 23.52 -1.30 -6.21
C PRO B 205 23.20 -0.08 -5.37
N ILE B 206 22.93 -0.32 -4.09
CA ILE B 206 22.77 0.78 -3.16
C ILE B 206 24.11 1.32 -2.72
N TYR B 207 25.16 0.51 -2.79
CA TYR B 207 26.50 0.89 -2.37
C TYR B 207 27.49 0.02 -3.14
N ARG B 208 28.66 0.57 -3.42
CA ARG B 208 29.67 -0.13 -4.22
C ARG B 208 31.05 0.42 -3.90
N ILE B 209 32.03 -0.46 -3.69
CA ILE B 209 33.36 -0.05 -3.24
C ILE B 209 34.44 -0.74 -4.05
N ASN B 210 35.45 0.03 -4.42
CA ASN B 210 36.67 -0.50 -5.02
C ASN B 210 37.85 -0.15 -4.14
N PHE B 211 38.77 -1.11 -3.97
CA PHE B 211 39.84 -0.98 -2.98
C PHE B 211 40.94 -1.98 -3.24
N LYS B 212 42.13 -1.69 -2.71
CA LYS B 212 43.30 -2.55 -2.82
C LYS B 212 43.40 -3.43 -1.58
N LEU B 213 43.45 -4.75 -1.77
CA LEU B 213 43.35 -5.70 -0.66
C LEU B 213 44.64 -6.49 -0.51
N TYR B 214 45.28 -6.36 0.65
CA TYR B 214 46.43 -7.19 0.96
C TYR B 214 45.97 -8.56 1.49
N ARG B 215 46.90 -9.46 1.73
CA ARG B 215 46.57 -10.82 2.15
C ARG B 215 46.19 -10.86 3.62
N ASN B 216 46.76 -9.94 4.38
CA ASN B 216 46.54 -9.93 5.83
C ASN B 216 45.30 -9.16 6.24
N GLY B 217 44.52 -8.69 5.29
CA GLY B 217 43.32 -7.95 5.59
C GLY B 217 43.47 -6.46 5.43
N ILE B 218 44.66 -5.95 5.14
CA ILE B 218 44.80 -4.51 5.04
C ILE B 218 44.17 -4.06 3.73
N THR B 219 43.67 -2.84 3.73
CA THR B 219 43.01 -2.27 2.58
C THR B 219 43.43 -0.84 2.33
N ARG B 220 43.64 -0.50 1.08
CA ARG B 220 43.94 0.89 0.75
C ARG B 220 43.42 1.23 -0.66
N ASP B 221 43.56 2.49 -1.00
CA ASP B 221 43.13 3.01 -2.29
C ASP B 221 41.63 2.82 -2.49
N MSE B 222 40.84 2.89 -1.44
CA MSE B 222 39.43 2.68 -1.66
C MSE B 222 38.75 3.81 -2.37
O MSE B 222 39.17 4.96 -2.33
CB MSE B 222 38.67 2.39 -0.40
CG MSE B 222 39.53 1.45 0.39
SE MSE B 222 39.69 2.42 2.06
CE MSE B 222 38.60 1.19 3.11
N THR B 223 37.66 3.45 -3.05
CA THR B 223 36.82 4.39 -3.77
C THR B 223 35.43 4.00 -3.33
N MSE B 224 34.74 4.88 -2.63
CA MSE B 224 33.43 4.55 -2.11
C MSE B 224 32.38 5.30 -2.85
O MSE B 224 32.32 6.53 -2.74
CB MSE B 224 33.48 4.84 -0.62
CG MSE B 224 34.73 4.23 0.03
SE MSE B 224 35.13 4.82 1.86
CE MSE B 224 33.66 3.96 2.81
N ASP B 225 31.53 4.57 -3.56
CA ASP B 225 30.47 5.14 -4.37
C ASP B 225 29.13 4.94 -3.70
N TYR B 226 28.42 6.04 -3.46
CA TYR B 226 27.12 5.98 -2.80
C TYR B 226 25.96 6.31 -3.72
N GLY B 227 26.18 6.39 -5.03
CA GLY B 227 25.13 6.73 -5.97
C GLY B 227 25.06 8.21 -6.26
N ASP B 228 24.56 8.98 -5.29
CA ASP B 228 24.63 10.45 -5.35
C ASP B 228 26.06 10.93 -5.52
N PHE B 229 26.99 10.25 -4.88
CA PHE B 229 28.37 10.66 -4.89
C PHE B 229 29.26 9.50 -4.49
N SER B 230 30.56 9.68 -4.63
CA SER B 230 31.51 8.67 -4.24
C SER B 230 32.64 9.34 -3.48
N MSE B 231 33.30 8.57 -2.62
CA MSE B 231 34.38 9.07 -1.82
C MSE B 231 35.58 8.21 -2.01
O MSE B 231 35.42 7.01 -2.27
CB MSE B 231 33.94 8.81 -0.39
CG MSE B 231 33.67 10.03 0.44
SE MSE B 231 33.49 9.30 2.24
CE MSE B 231 31.65 9.83 2.60
N ARG B 232 36.77 8.78 -1.90
CA ARG B 232 37.99 8.01 -2.06
C ARG B 232 38.76 8.01 -0.75
N GLY B 233 39.25 6.85 -0.35
CA GLY B 233 39.97 6.78 0.90
C GLY B 233 41.41 6.45 0.60
N LYS B 234 42.34 7.27 1.07
CA LYS B 234 43.75 7.06 0.81
C LYS B 234 44.48 6.89 2.15
N LEU B 235 45.45 5.98 2.17
CA LEU B 235 46.14 5.68 3.40
C LEU B 235 47.11 6.76 3.81
N VAL B 236 46.80 7.38 4.95
CA VAL B 236 47.67 8.41 5.51
C VAL B 236 48.61 7.86 6.57
N LYS B 237 48.10 7.03 7.47
CA LYS B 237 48.94 6.50 8.53
C LYS B 237 48.58 5.05 8.81
N LEU B 238 49.58 4.26 9.21
CA LEU B 238 49.34 2.87 9.60
C LEU B 238 50.14 2.51 10.84
N ASP B 239 49.46 1.99 11.86
CA ASP B 239 50.10 1.37 13.02
C ASP B 239 49.75 -0.10 12.98
N ILE B 240 50.72 -0.92 12.80
CA ILE B 240 50.51 -2.36 12.70
C ILE B 240 50.71 -3.01 14.06
N TYR B 241 49.87 -3.97 14.40
CA TYR B 241 49.97 -4.65 15.67
C TYR B 241 50.29 -6.13 15.44
N ASP B 242 51.19 -6.71 16.19
CA ASP B 242 51.56 -8.11 15.97
C ASP B 242 52.07 -8.36 14.55
N THR B 243 52.96 -7.48 14.09
CA THR B 243 53.54 -7.56 12.76
C THR B 243 53.67 -8.97 12.22
N ALA C 2 -5.96 -5.15 -16.95
CA ALA C 2 -6.31 -6.55 -17.22
C ALA C 2 -7.81 -6.75 -17.10
N VAL C 3 -8.56 -6.00 -17.91
CA VAL C 3 -10.01 -6.17 -18.03
C VAL C 3 -10.38 -5.73 -19.43
N ARG C 4 -11.56 -6.15 -19.87
CA ARG C 4 -11.93 -6.01 -21.27
C ARG C 4 -13.25 -5.28 -21.37
N LEU C 5 -13.26 -4.22 -22.19
CA LEU C 5 -14.47 -3.43 -22.43
C LEU C 5 -15.36 -4.19 -23.41
N VAL C 6 -16.43 -4.79 -22.92
CA VAL C 6 -17.26 -5.58 -23.84
C VAL C 6 -17.98 -4.64 -24.81
N PRO C 7 -18.10 -5.05 -26.06
CA PRO C 7 -18.79 -4.23 -27.05
C PRO C 7 -20.26 -4.33 -26.78
N HIS C 8 -21.02 -3.30 -27.08
CA HIS C 8 -22.46 -3.32 -26.84
C HIS C 8 -23.10 -2.13 -27.51
N ARG C 9 -24.43 -2.10 -27.51
CA ARG C 9 -25.15 -0.96 -28.04
C ARG C 9 -26.13 -0.66 -26.96
N ALA C 10 -26.11 0.58 -26.47
CA ALA C 10 -27.01 0.97 -25.41
C ALA C 10 -27.78 2.19 -25.83
N ILE C 11 -29.05 2.21 -25.45
CA ILE C 11 -29.93 3.30 -25.76
C ILE C 11 -30.37 3.90 -24.44
N TYR C 12 -30.42 5.22 -24.39
CA TYR C 12 -30.88 5.89 -23.18
C TYR C 12 -31.99 6.85 -23.57
N ASP C 13 -33.03 6.89 -22.75
CA ASP C 13 -34.08 7.90 -22.84
C ASP C 13 -33.77 9.02 -21.83
N LEU C 14 -33.72 10.25 -22.31
CA LEU C 14 -33.15 11.36 -21.55
C LEU C 14 -34.25 12.22 -20.95
N THR C 15 -34.03 12.71 -19.74
CA THR C 15 -35.03 13.53 -19.07
C THR C 15 -34.33 14.68 -18.36
N LEU C 16 -35.05 15.81 -18.23
CA LEU C 16 -34.60 16.96 -17.43
C LEU C 16 -34.55 16.59 -15.96
N ASP C 17 -33.40 16.76 -15.31
CA ASP C 17 -33.39 16.54 -13.86
C ASP C 17 -33.57 17.86 -13.08
N ARG C 18 -33.06 18.95 -13.63
CA ARG C 18 -33.19 20.30 -13.09
C ARG C 18 -32.93 21.29 -14.21
N ALA C 19 -33.54 22.46 -14.16
CA ALA C 19 -33.30 23.50 -15.16
C ALA C 19 -33.42 24.87 -14.52
N ASP C 20 -32.40 25.71 -14.72
CA ASP C 20 -32.46 27.05 -14.17
C ASP C 20 -33.38 27.92 -15.03
N GLU C 21 -33.90 28.98 -14.42
CA GLU C 21 -34.66 29.93 -15.20
C GLU C 21 -33.81 30.51 -16.32
N LYS C 22 -32.58 30.92 -15.99
CA LYS C 22 -31.72 31.53 -17.01
C LYS C 22 -31.49 30.61 -18.19
N SER C 23 -31.39 29.31 -17.93
CA SER C 23 -31.38 28.33 -19.00
C SER C 23 -32.57 28.50 -19.94
N GLY C 24 -33.74 28.85 -19.41
CA GLY C 24 -34.90 28.95 -20.25
C GLY C 24 -35.47 27.62 -20.66
N ILE C 25 -35.11 26.55 -19.97
CA ILE C 25 -35.54 25.21 -20.31
C ILE C 25 -36.80 24.88 -19.52
N SER C 26 -37.88 24.58 -20.24
CA SER C 26 -39.15 24.17 -19.65
C SER C 26 -39.35 22.66 -19.66
N GLY C 27 -38.74 21.96 -20.60
CA GLY C 27 -38.78 20.51 -20.60
C GLY C 27 -37.70 19.98 -21.50
N LEU C 28 -37.48 18.67 -21.39
CA LEU C 28 -36.38 18.07 -22.13
C LEU C 28 -36.61 16.56 -22.23
N THR C 29 -36.91 16.08 -23.42
CA THR C 29 -36.91 14.65 -23.73
C THR C 29 -35.85 14.41 -24.80
N GLY C 30 -35.55 13.14 -25.03
CA GLY C 30 -34.66 12.78 -26.13
C GLY C 30 -34.20 11.34 -26.07
N ARG C 31 -33.19 11.03 -26.88
CA ARG C 31 -32.60 9.69 -26.91
C ARG C 31 -31.09 9.74 -27.11
N MSE C 32 -30.38 8.81 -26.48
CA MSE C 32 -28.97 8.70 -26.67
C MSE C 32 -28.73 7.28 -27.02
O MSE C 32 -29.11 6.38 -26.27
CB MSE C 32 -28.22 9.14 -25.41
CG MSE C 32 -26.85 8.48 -25.29
SE MSE C 32 -25.78 9.39 -23.91
CE MSE C 32 -24.24 9.58 -25.09
N VAL C 33 -28.10 7.07 -28.17
CA VAL C 33 -27.71 5.76 -28.69
C VAL C 33 -26.19 5.70 -28.69
N TYR C 34 -25.62 4.62 -28.15
CA TYR C 34 -24.17 4.54 -27.99
C TYR C 34 -23.70 3.14 -28.36
N GLU C 35 -22.81 3.06 -29.36
CA GLU C 35 -22.20 1.81 -29.79
C GLU C 35 -20.72 1.82 -29.47
N PHE C 36 -20.27 0.81 -28.75
CA PHE C 36 -18.86 0.62 -28.45
C PHE C 36 -18.39 -0.66 -29.12
N ASN C 37 -17.52 -0.52 -30.12
CA ASN C 37 -17.04 -1.68 -30.87
C ASN C 37 -15.51 -1.61 -31.05
N GLY C 38 -14.84 -2.70 -30.70
CA GLY C 38 -13.40 -2.78 -30.87
C GLY C 38 -12.81 -4.00 -30.18
N SER C 39 -11.49 -4.08 -30.17
CA SER C 39 -10.79 -5.07 -29.34
C SER C 39 -9.46 -4.52 -28.83
N ALA C 40 -8.75 -5.34 -28.07
CA ALA C 40 -7.37 -5.06 -27.70
C ALA C 40 -6.52 -4.76 -28.92
N CYS C 41 -6.51 -5.64 -29.90
CA CYS C 41 -5.70 -5.43 -31.08
C CYS C 41 -6.30 -4.48 -32.07
N GLU C 42 -7.54 -4.75 -32.43
CA GLU C 42 -8.23 -4.03 -33.46
C GLU C 42 -8.32 -2.56 -33.19
N GLY C 43 -8.50 -2.22 -31.94
CA GLY C 43 -8.68 -0.83 -31.58
C GLY C 43 -10.15 -0.63 -31.25
N TYR C 44 -10.50 0.57 -30.85
CA TYR C 44 -11.89 0.77 -30.45
C TYR C 44 -12.60 1.79 -31.30
N THR C 45 -13.74 1.37 -31.84
CA THR C 45 -14.54 2.27 -32.66
C THR C 45 -15.82 2.60 -31.91
N THR C 46 -16.15 3.88 -31.81
CA THR C 46 -17.29 4.34 -31.04
C THR C 46 -18.17 5.23 -31.90
N ASN C 47 -19.47 4.95 -31.87
CA ASN C 47 -20.52 5.78 -32.44
C ASN C 47 -21.57 6.05 -31.38
N PHE C 48 -21.95 7.30 -31.22
CA PHE C 48 -23.09 7.57 -30.37
C PHE C 48 -23.90 8.71 -30.96
N ARG C 49 -25.19 8.70 -30.65
CA ARG C 49 -26.10 9.72 -31.15
C ARG C 49 -26.80 10.38 -29.98
N PHE C 50 -26.89 11.69 -30.03
CA PHE C 50 -27.44 12.47 -28.93
C PHE C 50 -28.52 13.36 -29.51
N VAL C 51 -29.78 13.07 -29.17
CA VAL C 51 -30.94 13.79 -29.68
C VAL C 51 -31.78 14.25 -28.49
N THR C 52 -32.19 15.52 -28.48
CA THR C 52 -32.91 16.06 -27.32
C THR C 52 -34.04 17.01 -27.74
N ARG C 53 -35.26 16.71 -27.30
CA ARG C 53 -36.42 17.58 -27.50
C ARG C 53 -36.36 18.62 -26.40
N VAL C 54 -36.00 19.85 -26.71
CA VAL C 54 -35.94 20.89 -25.71
C VAL C 54 -37.03 21.91 -26.05
N ASP C 55 -38.04 22.03 -25.20
CA ASP C 55 -39.10 22.98 -25.47
C ASP C 55 -39.14 24.12 -24.45
N MSE C 56 -38.97 25.33 -24.95
CA MSE C 56 -39.00 26.51 -24.13
C MSE C 56 -40.42 26.89 -23.90
O MSE C 56 -41.32 26.37 -24.60
CB MSE C 56 -38.19 27.62 -24.79
CG MSE C 56 -36.80 27.09 -25.06
SE MSE C 56 -35.50 28.52 -24.72
CE MSE C 56 -33.85 27.47 -24.51
N ASP C 57 -40.69 27.73 -22.91
CA ASP C 57 -42.05 28.11 -22.60
C ASP C 57 -42.76 28.88 -23.71
N GLU C 58 -42.09 29.86 -24.30
CA GLU C 58 -42.70 30.66 -25.37
C GLU C 58 -42.25 30.23 -26.75
N GLN C 59 -41.00 29.83 -26.81
CA GLN C 59 -40.46 29.20 -27.97
C GLN C 59 -40.86 27.77 -27.82
N PRO C 60 -41.59 27.26 -28.80
CA PRO C 60 -42.16 25.94 -28.57
C PRO C 60 -41.06 24.93 -28.35
N GLN C 61 -40.21 24.70 -29.37
CA GLN C 61 -39.27 23.60 -29.33
C GLN C 61 -38.04 23.73 -30.20
N ARG C 62 -37.03 22.96 -29.83
CA ARG C 62 -35.80 22.85 -30.60
C ARG C 62 -35.37 21.39 -30.59
N VAL C 63 -34.92 20.91 -31.74
CA VAL C 63 -34.51 19.53 -31.91
C VAL C 63 -33.03 19.53 -32.27
N THR C 64 -32.20 19.17 -31.30
CA THR C 64 -30.76 19.14 -31.42
C THR C 64 -30.32 17.71 -31.64
N ASP C 65 -29.57 17.48 -32.71
CA ASP C 65 -29.16 16.13 -33.09
C ASP C 65 -27.66 16.14 -33.27
N GLN C 66 -26.96 15.32 -32.46
CA GLN C 66 -25.50 15.26 -32.51
C GLN C 66 -25.09 13.81 -32.74
N GLN C 67 -24.50 13.57 -33.91
CA GLN C 67 -23.97 12.26 -34.28
C GLN C 67 -22.45 12.29 -34.16
N THR C 68 -21.90 11.31 -33.46
CA THR C 68 -20.48 11.26 -33.17
C THR C 68 -19.97 9.85 -33.45
N THR C 69 -18.85 9.77 -34.16
CA THR C 69 -18.14 8.54 -34.48
C THR C 69 -16.65 8.76 -34.17
N THR C 70 -16.01 7.84 -33.43
CA THR C 70 -14.59 8.02 -33.13
C THR C 70 -13.82 6.71 -33.26
N PHE C 71 -12.52 6.82 -33.52
CA PHE C 71 -11.61 5.69 -33.49
C PHE C 71 -10.35 6.04 -32.70
N GLU C 72 -10.00 5.15 -31.79
CA GLU C 72 -8.90 5.26 -30.86
C GLU C 72 -8.06 4.03 -31.04
N ASP C 73 -6.78 4.20 -31.40
CA ASP C 73 -6.00 3.00 -31.70
C ASP C 73 -5.77 2.14 -30.46
N ALA C 74 -5.40 0.88 -30.72
CA ALA C 74 -5.18 -0.09 -29.67
C ALA C 74 -4.19 0.42 -28.62
N ASP C 75 -3.04 0.92 -29.06
CA ASP C 75 -2.03 1.32 -28.09
C ASP C 75 -2.48 2.53 -27.28
N GLY C 76 -3.09 3.51 -27.93
CA GLY C 76 -3.59 4.67 -27.26
C GLY C 76 -3.00 5.99 -27.67
N LYS C 77 -2.18 6.03 -28.71
CA LYS C 77 -1.52 7.26 -29.11
C LYS C 77 -2.27 8.04 -30.18
N ASP C 78 -3.25 7.44 -30.85
CA ASP C 78 -3.98 8.12 -31.92
C ASP C 78 -5.48 8.13 -31.61
N PHE C 79 -6.13 9.23 -31.98
CA PHE C 79 -7.57 9.41 -31.76
C PHE C 79 -8.15 10.26 -32.87
N ARG C 80 -8.92 9.65 -33.77
N ARG C 80 -8.96 9.64 -33.75
CA ARG C 80 -9.61 10.40 -34.81
CA ARG C 80 -9.65 10.30 -34.83
C ARG C 80 -11.07 10.54 -34.42
C ARG C 80 -11.10 10.53 -34.41
N PHE C 81 -11.68 11.65 -34.82
CA PHE C 81 -13.01 12.04 -34.36
C PHE C 81 -13.75 12.94 -35.35
N VAL C 82 -15.09 12.78 -35.39
CA VAL C 82 -16.01 13.69 -36.08
C VAL C 82 -17.27 13.88 -35.22
N ASN C 83 -17.71 15.13 -35.14
CA ASN C 83 -18.95 15.48 -34.48
C ASN C 83 -19.77 16.33 -35.44
N LYS C 84 -21.00 15.91 -35.72
CA LYS C 84 -21.91 16.69 -36.55
C LYS C 84 -23.12 17.04 -35.70
N THR C 85 -23.51 18.30 -35.76
CA THR C 85 -24.62 18.83 -34.99
C THR C 85 -25.72 19.24 -35.95
N PHE C 86 -26.97 18.91 -35.63
CA PHE C 86 -28.08 19.24 -36.51
C PHE C 86 -29.21 19.79 -35.68
N VAL C 87 -29.66 20.97 -36.03
CA VAL C 87 -30.75 21.61 -35.32
C VAL C 87 -32.01 21.59 -36.16
N ASP C 88 -33.09 21.12 -35.58
CA ASP C 88 -34.36 21.11 -36.28
C ASP C 88 -34.17 20.62 -37.71
N LYS C 89 -33.39 19.54 -37.85
CA LYS C 89 -33.04 18.83 -39.10
C LYS C 89 -32.05 19.56 -39.98
N GLU C 90 -31.54 20.72 -39.58
CA GLU C 90 -30.60 21.48 -40.40
C GLU C 90 -29.16 21.32 -39.88
N LEU C 91 -28.21 21.29 -40.83
CA LEU C 91 -26.79 21.14 -40.51
C LEU C 91 -26.26 22.44 -39.93
N VAL C 92 -25.86 22.40 -38.67
CA VAL C 92 -25.33 23.57 -37.99
C VAL C 92 -23.81 23.48 -37.83
N LYS C 93 -23.30 22.35 -37.34
CA LYS C 93 -21.86 22.32 -37.07
C LYS C 93 -21.24 20.96 -37.38
N GLU C 94 -20.01 21.01 -37.89
CA GLU C 94 -19.14 19.85 -38.04
C GLU C 94 -17.74 20.20 -37.54
N VAL C 95 -17.24 19.40 -36.61
CA VAL C 95 -15.83 19.38 -36.22
C VAL C 95 -15.27 18.03 -36.63
N ARG C 96 -14.17 18.04 -37.35
CA ARG C 96 -13.51 16.79 -37.73
C ARG C 96 -12.01 17.00 -37.66
N GLY C 97 -11.30 16.07 -37.03
CA GLY C 97 -9.86 16.19 -36.90
C GLY C 97 -9.21 14.94 -36.34
N ASP C 98 -7.94 15.09 -35.98
CA ASP C 98 -7.17 13.99 -35.45
C ASP C 98 -6.27 14.50 -34.31
N ALA C 99 -6.15 13.71 -33.26
CA ALA C 99 -5.34 14.05 -32.09
C ALA C 99 -4.29 12.97 -31.83
N LYS C 100 -3.08 13.39 -31.46
CA LYS C 100 -1.97 12.45 -31.37
C LYS C 100 -1.04 12.81 -30.22
N LEU C 101 -0.65 11.79 -29.45
CA LEU C 101 0.30 11.94 -28.35
C LEU C 101 1.69 11.78 -28.89
N GLU C 102 2.35 12.86 -29.27
CA GLU C 102 3.73 12.75 -29.70
C GLU C 102 4.60 13.63 -28.84
N ASP C 103 5.80 13.13 -28.51
CA ASP C 103 6.78 13.89 -27.73
C ASP C 103 6.17 14.50 -26.47
N GLY C 104 5.43 13.67 -25.72
CA GLY C 104 4.88 14.05 -24.43
C GLY C 104 3.74 15.04 -24.45
N LYS C 105 3.34 15.51 -25.63
CA LYS C 105 2.20 16.40 -25.80
C LYS C 105 1.15 15.73 -26.67
N THR C 106 0.13 16.52 -26.94
CA THR C 106 -1.07 16.09 -27.62
C THR C 106 -1.32 17.07 -28.73
N VAL C 107 -0.73 16.82 -29.89
CA VAL C 107 -0.94 17.72 -31.02
C VAL C 107 -2.30 17.43 -31.61
N VAL C 108 -2.97 18.48 -32.03
CA VAL C 108 -4.30 18.36 -32.58
C VAL C 108 -4.43 19.09 -33.90
N LYS C 109 -4.87 18.37 -34.92
CA LYS C 109 -5.06 18.94 -36.23
C LYS C 109 -6.52 18.76 -36.58
N LEU C 110 -7.21 19.83 -36.94
CA LEU C 110 -8.62 19.70 -37.28
C LEU C 110 -8.92 20.11 -38.70
N SER C 111 -9.46 19.19 -39.48
CA SER C 111 -9.80 19.47 -40.86
C SER C 111 -10.91 20.50 -40.98
N LYS C 112 -12.00 20.22 -40.31
CA LYS C 112 -13.14 21.08 -40.34
C LYS C 112 -13.65 21.31 -38.93
N PRO C 113 -14.41 22.38 -38.68
CA PRO C 113 -14.96 23.48 -39.43
C PRO C 113 -13.88 24.35 -40.02
N LYS C 114 -12.82 24.57 -39.28
CA LYS C 114 -11.73 25.33 -39.80
C LYS C 114 -10.51 24.45 -39.75
N GLU C 115 -9.66 24.54 -40.74
CA GLU C 115 -8.42 23.81 -40.74
C GLU C 115 -7.60 24.48 -39.64
N ASN C 116 -6.94 23.68 -38.81
CA ASN C 116 -6.18 24.24 -37.70
C ASN C 116 -5.38 23.14 -37.00
N THR C 117 -4.26 23.55 -36.39
CA THR C 117 -3.42 22.66 -35.59
C THR C 117 -3.21 23.25 -34.20
N LEU C 118 -3.30 22.38 -33.19
CA LEU C 118 -3.22 22.79 -31.79
C LEU C 118 -2.27 21.89 -31.02
N ASP C 119 -1.56 22.50 -30.07
CA ASP C 119 -0.60 21.77 -29.26
C ASP C 119 -1.00 21.94 -27.81
N LEU C 120 -1.31 20.83 -27.16
CA LEU C 120 -1.92 20.87 -25.85
C LEU C 120 -1.08 20.01 -24.89
N LYS C 121 -1.52 19.96 -23.64
CA LYS C 121 -0.89 19.11 -22.64
C LYS C 121 -1.04 17.63 -22.98
N GLY C 122 0.05 16.88 -22.82
CA GLY C 122 -0.01 15.43 -22.91
C GLY C 122 -1.13 14.79 -22.11
N THR C 123 -2.05 14.07 -22.75
CA THR C 123 -3.23 13.61 -22.02
C THR C 123 -3.55 12.17 -22.40
N GLN C 124 -4.75 11.73 -22.04
CA GLN C 124 -5.23 10.42 -22.44
C GLN C 124 -6.58 10.56 -23.14
N PHE C 125 -6.89 9.55 -23.92
CA PHE C 125 -8.06 9.53 -24.77
C PHE C 125 -9.19 8.77 -24.13
N PRO C 126 -10.41 8.90 -24.67
CA PRO C 126 -11.58 8.35 -23.97
C PRO C 126 -11.45 6.89 -23.55
N THR C 127 -11.10 6.00 -24.46
CA THR C 127 -11.10 4.59 -24.06
C THR C 127 -9.96 4.32 -23.09
N ARG C 128 -8.80 4.91 -23.29
CA ARG C 128 -7.75 4.79 -22.29
C ARG C 128 -8.20 5.32 -20.94
N HIS C 129 -8.93 6.42 -20.96
CA HIS C 129 -9.47 7.00 -19.75
C HIS C 129 -10.38 6.03 -19.02
N MSE C 130 -11.31 5.43 -19.76
CA MSE C 130 -12.26 4.50 -19.17
C MSE C 130 -11.57 3.27 -18.63
O MSE C 130 -11.93 2.75 -17.58
CB MSE C 130 -13.29 4.08 -20.19
CG MSE C 130 -14.31 3.16 -19.61
SE MSE C 130 -15.28 4.04 -18.20
CE MSE C 130 -17.01 4.11 -19.07
N GLU C 131 -10.57 2.79 -19.35
CA GLU C 131 -9.77 1.66 -18.87
C GLU C 131 -9.16 2.00 -17.53
N GLU C 132 -8.45 3.12 -17.45
CA GLU C 132 -7.80 3.56 -16.22
C GLU C 132 -8.77 3.68 -15.06
N LEU C 133 -10.02 4.01 -15.35
CA LEU C 133 -11.02 4.13 -14.29
C LEU C 133 -11.39 2.75 -13.74
N ILE C 134 -11.69 1.80 -14.62
CA ILE C 134 -12.07 0.47 -14.17
C ILE C 134 -10.89 -0.24 -13.53
N GLY C 135 -9.67 0.06 -13.96
CA GLY C 135 -8.51 -0.44 -13.27
C GLY C 135 -8.41 0.11 -11.86
N LYS C 136 -8.31 1.45 -11.76
CA LYS C 136 -8.15 2.09 -10.46
C LYS C 136 -9.30 1.78 -9.51
N ALA C 137 -10.47 1.46 -10.05
CA ALA C 137 -11.62 1.16 -9.18
C ALA C 137 -11.41 -0.14 -8.44
N GLU C 138 -11.07 -1.20 -9.15
CA GLU C 138 -10.82 -2.47 -8.52
C GLU C 138 -9.59 -2.37 -7.62
N ALA C 139 -8.67 -1.49 -7.95
CA ALA C 139 -7.47 -1.31 -7.17
C ALA C 139 -7.80 -0.97 -5.72
N GLY C 140 -8.99 -0.43 -5.47
CA GLY C 140 -9.33 0.19 -4.22
C GLY C 140 -9.34 1.70 -4.28
N GLN C 141 -8.58 2.29 -5.20
CA GLN C 141 -8.57 3.74 -5.33
C GLN C 141 -9.99 4.26 -5.45
N LYS C 142 -10.32 5.22 -4.60
CA LYS C 142 -11.64 5.79 -4.60
C LYS C 142 -11.65 7.27 -4.93
N PHE C 143 -10.48 7.87 -5.18
CA PHE C 143 -10.43 9.28 -5.49
C PHE C 143 -9.12 9.52 -6.19
N TYR C 144 -9.17 10.19 -7.34
CA TYR C 144 -7.93 10.51 -8.04
C TYR C 144 -8.21 11.60 -9.06
N GLN C 145 -7.19 11.92 -9.84
CA GLN C 145 -7.19 13.04 -10.74
C GLN C 145 -6.37 12.73 -12.00
N THR C 146 -6.91 13.09 -13.15
CA THR C 146 -6.25 12.89 -14.42
C THR C 146 -6.79 13.85 -15.45
N THR C 147 -6.25 13.78 -16.66
CA THR C 147 -6.66 14.65 -17.74
C THR C 147 -7.19 13.88 -18.93
N LEU C 148 -8.04 14.53 -19.70
CA LEU C 148 -8.64 13.90 -20.85
C LEU C 148 -8.94 14.84 -21.98
N PHE C 149 -8.82 14.34 -23.21
CA PHE C 149 -9.16 15.08 -24.40
C PHE C 149 -10.24 14.22 -25.00
N ASP C 150 -11.40 14.78 -25.30
CA ASP C 150 -12.47 13.96 -25.86
C ASP C 150 -12.99 14.32 -27.25
N ALA C 151 -12.52 15.43 -27.82
CA ALA C 151 -12.95 15.83 -29.15
C ALA C 151 -14.35 16.37 -29.11
N SER C 152 -14.86 16.51 -27.90
CA SER C 152 -16.19 17.06 -27.69
C SER C 152 -16.15 18.55 -28.02
N GLU C 153 -17.31 19.11 -28.34
CA GLU C 153 -17.41 20.52 -28.68
C GLU C 153 -16.49 20.83 -29.85
N ASP C 154 -15.55 21.73 -29.64
CA ASP C 154 -14.61 22.09 -30.68
C ASP C 154 -13.34 21.26 -30.63
N ALA C 155 -13.27 20.28 -29.74
CA ALA C 155 -12.08 19.46 -29.67
C ALA C 155 -10.86 20.34 -29.54
N ASP C 156 -11.00 21.44 -28.80
CA ASP C 156 -9.93 22.40 -28.62
C ASP C 156 -9.35 22.51 -27.21
N ARG C 157 -9.62 21.53 -26.36
CA ARG C 157 -9.10 21.61 -25.00
C ARG C 157 -8.95 20.27 -24.31
N VAL C 158 -8.10 20.24 -23.30
CA VAL C 158 -7.87 19.06 -22.50
C VAL C 158 -8.46 19.46 -21.17
N VAL C 159 -9.18 18.56 -20.51
CA VAL C 159 -9.81 18.94 -19.26
C VAL C 159 -9.26 18.07 -18.16
N ALA C 160 -9.08 18.69 -17.00
CA ALA C 160 -8.83 17.94 -15.79
C ALA C 160 -10.09 17.22 -15.38
N THR C 161 -9.93 15.96 -15.01
CA THR C 161 -11.05 15.16 -14.53
C THR C 161 -10.69 14.60 -13.16
N THR C 162 -11.45 15.01 -12.15
CA THR C 162 -11.41 14.37 -10.84
C THR C 162 -12.48 13.29 -10.79
N VAL C 163 -12.11 12.13 -10.31
CA VAL C 163 -12.97 10.95 -10.38
C VAL C 163 -13.18 10.44 -8.97
N VAL C 164 -14.45 10.15 -8.65
CA VAL C 164 -14.90 9.87 -7.30
C VAL C 164 -15.72 8.59 -7.35
N VAL C 165 -15.12 7.49 -6.90
CA VAL C 165 -15.70 6.15 -7.05
C VAL C 165 -16.25 5.66 -5.71
N GLY C 166 -17.45 5.07 -5.76
CA GLY C 166 -18.11 4.52 -4.59
C GLY C 166 -17.76 3.06 -4.37
N LYS C 167 -18.52 2.42 -3.48
CA LYS C 167 -18.32 1.01 -3.16
C LYS C 167 -19.25 0.19 -4.03
N GLN C 168 -18.73 -0.91 -4.54
CA GLN C 168 -19.49 -1.73 -5.46
C GLN C 168 -20.74 -2.26 -4.77
N GLN C 169 -21.77 -2.52 -5.57
CA GLN C 169 -23.09 -2.87 -5.07
C GLN C 169 -23.89 -3.52 -6.18
N ALA C 170 -24.87 -4.32 -5.76
CA ALA C 170 -25.91 -4.84 -6.65
C ALA C 170 -27.16 -3.99 -6.43
N VAL C 171 -27.69 -3.42 -7.51
CA VAL C 171 -28.88 -2.58 -7.43
C VAL C 171 -29.90 -3.08 -8.45
N PRO C 172 -30.68 -4.09 -8.07
CA PRO C 172 -31.70 -4.55 -9.00
C PRO C 172 -32.66 -3.40 -9.21
N ASP C 173 -33.00 -3.12 -10.45
CA ASP C 173 -33.87 -2.01 -10.72
C ASP C 173 -34.59 -2.12 -12.04
N ASP C 174 -35.35 -1.10 -12.40
CA ASP C 174 -36.07 -1.06 -13.65
C ASP C 174 -35.12 -1.16 -14.84
N GLU C 175 -33.97 -0.50 -14.73
CA GLU C 175 -32.98 -0.51 -15.81
C GLU C 175 -32.42 -1.90 -16.10
N THR C 176 -32.19 -2.69 -15.05
CA THR C 176 -31.57 -4.02 -15.23
C THR C 176 -32.30 -4.98 -16.19
N LYS C 177 -33.57 -4.74 -16.44
CA LYS C 177 -34.38 -5.54 -17.30
C LYS C 177 -33.88 -5.69 -18.73
N VAL C 178 -33.27 -4.69 -19.37
CA VAL C 178 -32.84 -5.04 -20.72
C VAL C 178 -31.42 -5.59 -20.78
N MSE C 179 -30.75 -5.63 -19.65
CA MSE C 179 -29.41 -6.10 -19.64
C MSE C 179 -29.33 -7.51 -20.10
O MSE C 179 -28.41 -7.86 -20.85
CB MSE C 179 -28.96 -6.12 -18.19
CG MSE C 179 -27.64 -5.42 -17.99
SE MSE C 179 -28.02 -3.69 -17.17
CE MSE C 179 -27.56 -2.54 -18.69
N GLY C 180 -30.25 -8.35 -19.65
CA GLY C 180 -30.19 -9.74 -19.99
C GLY C 180 -29.27 -10.49 -19.06
N LYS C 181 -28.15 -10.96 -19.59
CA LYS C 181 -27.16 -11.71 -18.78
C LYS C 181 -26.57 -10.78 -17.70
N PHE C 182 -26.51 -9.48 -17.95
CA PHE C 182 -25.84 -8.53 -17.01
C PHE C 182 -26.78 -7.91 -15.98
N SER C 183 -28.06 -8.27 -15.97
CA SER C 183 -29.01 -7.65 -15.01
C SER C 183 -28.63 -7.89 -13.56
N LYS C 184 -28.03 -9.03 -13.26
CA LYS C 184 -27.71 -9.39 -11.89
C LYS C 184 -26.29 -9.07 -11.49
N ASP C 185 -25.59 -8.31 -12.31
CA ASP C 185 -24.19 -7.90 -11.98
C ASP C 185 -24.13 -6.63 -11.13
N GLN C 186 -23.04 -6.49 -10.37
CA GLN C 186 -22.78 -5.32 -9.52
C GLN C 186 -22.25 -4.07 -10.22
N VAL C 187 -22.41 -2.93 -9.56
CA VAL C 187 -21.97 -1.64 -10.10
C VAL C 187 -21.27 -0.73 -9.08
N TRP C 188 -20.46 0.18 -9.60
CA TRP C 188 -19.69 1.15 -8.82
C TRP C 188 -20.28 2.50 -9.04
N PRO C 189 -20.50 3.27 -7.97
CA PRO C 189 -21.03 4.60 -8.22
C PRO C 189 -19.85 5.45 -8.61
N VAL C 190 -19.98 6.24 -9.67
CA VAL C 190 -18.87 7.06 -10.08
C VAL C 190 -19.29 8.49 -10.31
N THR C 191 -18.43 9.40 -9.95
CA THR C 191 -18.62 10.82 -10.19
C THR C 191 -17.39 11.32 -10.93
N ILE C 192 -17.60 12.02 -12.03
CA ILE C 192 -16.52 12.65 -12.77
C ILE C 192 -16.89 14.11 -12.99
N ALA C 193 -16.03 15.01 -12.53
CA ALA C 193 -16.23 16.44 -12.70
C ALA C 193 -15.12 17.02 -13.54
N TYR C 194 -15.48 17.87 -14.49
CA TYR C 194 -14.54 18.33 -15.51
C TYR C 194 -14.24 19.80 -15.27
N PHE C 195 -12.97 20.17 -15.33
CA PHE C 195 -12.50 21.49 -14.98
C PHE C 195 -11.72 22.07 -16.14
N ASP C 196 -11.99 23.32 -16.47
CA ASP C 196 -11.26 23.96 -17.56
C ASP C 196 -10.65 25.25 -17.07
N ASP C 197 -9.33 25.31 -17.03
CA ASP C 197 -8.65 26.45 -16.45
C ASP C 197 -9.05 27.79 -17.05
N LYS C 198 -9.27 27.88 -18.35
CA LYS C 198 -9.71 29.15 -18.90
C LYS C 198 -11.08 29.55 -18.35
N GLU C 199 -12.00 28.60 -18.28
CA GLU C 199 -13.36 28.87 -17.79
C GLU C 199 -13.46 28.75 -16.26
N GLN C 200 -12.75 29.61 -15.57
CA GLN C 200 -12.73 29.55 -14.13
C GLN C 200 -13.83 30.32 -13.46
N GLN C 201 -15.02 29.76 -13.37
CA GLN C 201 -16.09 30.44 -12.66
C GLN C 201 -15.86 29.95 -11.26
N ASP C 202 -15.07 30.72 -10.50
CA ASP C 202 -14.64 30.36 -9.15
C ASP C 202 -13.92 29.04 -9.30
N GLY C 203 -14.37 28.02 -8.56
CA GLY C 203 -13.78 26.71 -8.67
C GLY C 203 -14.81 25.69 -9.13
N MSE C 204 -15.77 26.13 -9.96
CA MSE C 204 -16.86 25.25 -10.35
C MSE C 204 -16.50 24.44 -11.56
O MSE C 204 -15.84 24.97 -12.47
CB MSE C 204 -18.03 26.13 -10.74
CG MSE C 204 -19.16 25.96 -9.74
SE MSE C 204 -20.50 27.33 -10.12
CE MSE C 204 -21.85 26.62 -8.91
N PRO C 205 -16.89 23.19 -11.60
CA PRO C 205 -16.62 22.36 -12.78
C PRO C 205 -17.43 22.82 -13.99
N ILE C 206 -16.85 22.69 -15.19
CA ILE C 206 -17.59 23.07 -16.40
C ILE C 206 -18.60 22.02 -16.80
N TYR C 207 -18.43 20.77 -16.37
CA TYR C 207 -19.40 19.74 -16.59
C TYR C 207 -19.15 18.66 -15.56
N ARG C 208 -20.21 18.07 -15.04
CA ARG C 208 -20.08 17.01 -14.05
C ARG C 208 -21.05 15.90 -14.40
N ILE C 209 -20.59 14.66 -14.30
CA ILE C 209 -21.45 13.51 -14.53
C ILE C 209 -21.36 12.53 -13.37
N ASN C 210 -22.49 11.95 -13.02
CA ASN C 210 -22.60 10.90 -12.02
C ASN C 210 -23.23 9.71 -12.74
N PHE C 211 -22.69 8.52 -12.53
CA PHE C 211 -23.18 7.30 -13.19
C PHE C 211 -22.82 6.03 -12.43
N LYS C 212 -23.37 4.90 -12.85
CA LYS C 212 -23.07 3.61 -12.23
C LYS C 212 -22.21 2.82 -13.21
N LEU C 213 -21.16 2.19 -12.73
CA LEU C 213 -20.21 1.47 -13.59
C LEU C 213 -20.11 -0.05 -13.42
N TYR C 214 -19.93 -0.74 -14.55
CA TYR C 214 -19.80 -2.20 -14.62
C TYR C 214 -18.38 -2.48 -15.03
N ARG C 215 -17.83 -3.61 -14.63
CA ARG C 215 -16.46 -3.99 -14.98
C ARG C 215 -16.26 -4.15 -16.48
N ASN C 216 -17.32 -4.36 -17.22
CA ASN C 216 -17.22 -4.50 -18.67
C ASN C 216 -17.25 -3.16 -19.38
N GLY C 217 -17.64 -2.09 -18.67
CA GLY C 217 -17.62 -0.76 -19.22
C GLY C 217 -18.95 -0.20 -19.66
N ILE C 218 -20.04 -0.80 -19.20
CA ILE C 218 -21.37 -0.30 -19.54
C ILE C 218 -21.85 0.66 -18.45
N THR C 219 -22.46 1.75 -18.86
CA THR C 219 -22.96 2.74 -17.93
C THR C 219 -24.47 2.92 -18.03
N ARG C 220 -25.10 2.96 -16.86
CA ARG C 220 -26.54 3.16 -16.72
C ARG C 220 -26.79 4.20 -15.63
N ASP C 221 -27.97 4.80 -15.66
CA ASP C 221 -28.33 5.80 -14.66
C ASP C 221 -27.41 7.02 -14.64
N MSE C 222 -27.28 7.68 -15.79
CA MSE C 222 -26.42 8.83 -15.86
C MSE C 222 -27.06 10.15 -15.59
O MSE C 222 -28.04 10.53 -16.26
CB MSE C 222 -25.92 9.00 -17.29
CG MSE C 222 -25.55 7.70 -17.94
SE MSE C 222 -25.90 7.98 -19.84
CE MSE C 222 -24.11 8.59 -20.40
N THR C 223 -26.49 10.88 -14.65
CA THR C 223 -26.97 12.21 -14.36
C THR C 223 -25.87 13.11 -14.88
N MSE C 224 -26.22 14.11 -15.66
CA MSE C 224 -25.24 15.03 -16.20
C MSE C 224 -25.52 16.47 -15.87
O MSE C 224 -26.57 16.99 -16.26
CB MSE C 224 -25.29 14.92 -17.71
CG MSE C 224 -24.65 13.63 -18.19
SE MSE C 224 -25.76 12.86 -19.61
CE MSE C 224 -25.03 13.85 -21.14
N ASP C 225 -24.58 17.13 -15.22
CA ASP C 225 -24.72 18.52 -14.79
C ASP C 225 -23.97 19.45 -15.74
N TYR C 226 -24.66 20.34 -16.42
CA TYR C 226 -24.04 21.26 -17.36
C TYR C 226 -23.95 22.70 -16.86
N GLY C 227 -24.34 22.94 -15.63
CA GLY C 227 -24.37 24.30 -15.10
C GLY C 227 -25.82 24.71 -14.87
N ASP C 228 -26.41 25.35 -15.86
CA ASP C 228 -27.82 25.77 -15.78
C ASP C 228 -28.80 24.63 -15.64
N PHE C 229 -28.58 23.53 -16.36
CA PHE C 229 -29.50 22.40 -16.31
C PHE C 229 -28.80 21.05 -16.27
N SER C 230 -29.53 20.01 -15.87
CA SER C 230 -29.00 18.67 -15.83
C SER C 230 -30.02 17.65 -16.28
N MSE C 231 -29.55 16.58 -16.89
CA MSE C 231 -30.46 15.58 -17.38
C MSE C 231 -30.11 14.26 -16.82
O MSE C 231 -28.99 13.99 -16.40
CB MSE C 231 -30.39 15.40 -18.87
CG MSE C 231 -30.25 16.71 -19.60
SE MSE C 231 -29.52 16.09 -21.29
CE MSE C 231 -29.47 17.77 -22.30
N ARG C 232 -31.13 13.43 -16.79
CA ARG C 232 -30.99 12.07 -16.32
C ARG C 232 -30.94 11.14 -17.51
N GLY C 233 -30.13 10.08 -17.39
CA GLY C 233 -29.97 9.08 -18.43
C GLY C 233 -30.57 7.75 -18.03
N LYS C 234 -31.54 7.28 -18.81
CA LYS C 234 -32.30 6.06 -18.55
C LYS C 234 -31.97 5.04 -19.63
N LEU C 235 -31.23 3.99 -19.26
CA LEU C 235 -30.96 2.95 -20.24
C LEU C 235 -32.24 2.17 -20.53
N VAL C 236 -32.67 2.17 -21.79
CA VAL C 236 -33.91 1.48 -22.15
C VAL C 236 -33.71 0.26 -23.03
N LYS C 237 -32.56 0.12 -23.68
CA LYS C 237 -32.30 -1.02 -24.53
C LYS C 237 -30.81 -1.29 -24.58
N LEU C 238 -30.41 -2.50 -24.23
CA LEU C 238 -29.00 -2.89 -24.27
C LEU C 238 -28.83 -4.09 -25.19
N ASP C 239 -28.33 -3.84 -26.39
CA ASP C 239 -27.90 -4.89 -27.29
C ASP C 239 -26.42 -5.14 -27.02
N ILE C 240 -26.05 -6.38 -26.72
CA ILE C 240 -24.68 -6.70 -26.38
C ILE C 240 -24.12 -7.60 -27.48
N TYR C 241 -22.82 -7.46 -27.71
CA TYR C 241 -22.12 -8.20 -28.74
C TYR C 241 -21.03 -9.05 -28.11
N ASP C 242 -20.74 -10.19 -28.72
CA ASP C 242 -19.78 -11.16 -28.21
C ASP C 242 -20.17 -11.54 -26.79
N THR C 243 -19.17 -11.59 -25.91
CA THR C 243 -19.39 -11.94 -24.52
C THR C 243 -18.10 -11.75 -23.75
N ALA D 2 -21.85 34.62 5.17
CA ALA D 2 -22.30 34.93 6.51
C ALA D 2 -22.71 33.68 7.28
N VAL D 3 -21.72 32.99 7.82
CA VAL D 3 -21.94 31.77 8.58
C VAL D 3 -21.49 31.96 10.00
N ARG D 4 -22.29 31.53 10.96
CA ARG D 4 -21.96 31.68 12.36
C ARG D 4 -21.21 30.49 12.93
N LEU D 5 -19.91 30.38 12.73
CA LEU D 5 -19.20 29.24 13.30
C LEU D 5 -19.33 29.30 14.80
N VAL D 6 -19.67 28.18 15.42
CA VAL D 6 -19.87 28.18 16.84
C VAL D 6 -18.69 27.71 17.64
N PRO D 7 -18.25 28.54 18.57
CA PRO D 7 -17.14 28.16 19.42
C PRO D 7 -17.46 26.88 20.12
N HIS D 8 -16.51 25.97 20.23
CA HIS D 8 -16.79 24.73 20.89
C HIS D 8 -15.55 23.92 21.16
N ARG D 9 -15.69 22.88 21.96
CA ARG D 9 -14.60 21.94 22.21
C ARG D 9 -15.14 20.52 22.03
N ALA D 10 -14.46 19.76 21.19
CA ALA D 10 -14.95 18.45 20.76
C ALA D 10 -13.81 17.44 20.85
N ILE D 11 -14.06 16.34 21.53
CA ILE D 11 -13.09 15.27 21.64
C ILE D 11 -13.54 14.16 20.69
N TYR D 12 -12.57 13.50 20.09
CA TYR D 12 -12.85 12.39 19.20
C TYR D 12 -11.98 11.20 19.56
N ASP D 13 -12.51 9.99 19.42
CA ASP D 13 -11.73 8.79 19.63
C ASP D 13 -11.28 8.21 18.30
N LEU D 14 -10.01 7.87 18.22
CA LEU D 14 -9.42 7.45 16.97
C LEU D 14 -9.26 5.95 16.95
N THR D 15 -9.60 5.36 15.83
CA THR D 15 -9.54 3.93 15.68
C THR D 15 -9.02 3.61 14.29
N LEU D 16 -8.42 2.45 14.15
CA LEU D 16 -7.98 2.03 12.84
C LEU D 16 -9.20 1.63 12.03
N ASP D 17 -9.26 2.11 10.78
CA ASP D 17 -10.26 1.68 9.82
C ASP D 17 -9.68 0.67 8.84
N ARG D 18 -8.55 1.02 8.25
CA ARG D 18 -7.92 0.24 7.21
C ARG D 18 -6.43 0.24 7.45
N ALA D 19 -5.75 -0.89 7.22
CA ALA D 19 -4.29 -0.90 7.22
C ALA D 19 -3.81 -1.89 6.17
N ASP D 20 -3.08 -1.39 5.17
CA ASP D 20 -2.53 -2.27 4.16
C ASP D 20 -1.23 -2.89 4.67
N GLU D 21 -0.83 -3.97 4.02
CA GLU D 21 0.36 -4.67 4.48
C GLU D 21 1.60 -3.81 4.31
N LYS D 22 1.54 -2.87 3.39
CA LYS D 22 2.62 -1.95 3.13
C LYS D 22 2.90 -1.00 4.32
N SER D 23 1.84 -0.55 4.97
CA SER D 23 1.95 0.31 6.15
C SER D 23 2.69 -0.39 7.28
N GLY D 24 2.45 -1.68 7.44
CA GLY D 24 3.08 -2.42 8.52
C GLY D 24 2.40 -2.25 9.85
N ILE D 25 1.25 -1.60 9.89
CA ILE D 25 0.62 -1.17 11.13
C ILE D 25 -0.34 -2.25 11.61
N SER D 26 -0.22 -2.64 12.88
CA SER D 26 -1.05 -3.72 13.41
C SER D 26 -2.25 -3.21 14.21
N GLY D 27 -2.10 -2.12 14.94
CA GLY D 27 -3.21 -1.56 15.68
C GLY D 27 -3.03 -0.06 15.85
N LEU D 28 -4.14 0.63 16.09
CA LEU D 28 -4.08 2.07 16.33
C LEU D 28 -5.25 2.54 17.16
N THR D 29 -4.96 3.35 18.16
CA THR D 29 -5.94 3.98 18.99
C THR D 29 -5.42 5.37 19.29
N GLY D 30 -6.23 6.16 19.96
CA GLY D 30 -5.84 7.54 20.15
C GLY D 30 -7.06 8.39 20.45
N ARG D 31 -6.80 9.69 20.46
N ARG D 31 -6.72 9.67 20.44
CA ARG D 31 -7.78 10.68 20.87
CA ARG D 31 -7.65 10.72 20.82
C ARG D 31 -7.42 11.99 20.16
C ARG D 31 -7.41 11.96 20.01
N MSE D 32 -8.44 12.77 19.86
CA MSE D 32 -8.30 14.05 19.19
C MSE D 32 -9.10 14.99 20.03
O MSE D 32 -10.22 14.64 20.41
CB MSE D 32 -8.78 14.14 17.75
CG MSE D 32 -8.55 15.56 17.23
SE MSE D 32 -9.28 15.94 15.44
CE MSE D 32 -8.82 14.29 14.47
N VAL D 33 -8.58 16.16 20.31
CA VAL D 33 -9.25 17.16 21.13
C VAL D 33 -9.21 18.46 20.35
N TYR D 34 -10.35 18.88 19.81
CA TYR D 34 -10.44 20.09 19.01
C TYR D 34 -11.18 21.16 19.79
N GLU D 35 -10.62 22.38 19.82
CA GLU D 35 -11.16 23.51 20.55
C GLU D 35 -11.18 24.72 19.65
N PHE D 36 -12.38 25.22 19.37
CA PHE D 36 -12.54 26.36 18.47
C PHE D 36 -13.13 27.54 19.24
N ASN D 37 -12.44 28.69 19.17
CA ASN D 37 -12.81 29.88 19.91
C ASN D 37 -12.70 31.09 19.00
N GLY D 38 -13.22 32.21 19.49
CA GLY D 38 -13.19 33.45 18.75
C GLY D 38 -14.54 33.94 18.32
N SER D 39 -14.54 34.94 17.46
CA SER D 39 -15.76 35.52 16.93
C SER D 39 -15.46 36.27 15.66
N ALA D 40 -16.49 36.74 14.98
CA ALA D 40 -16.32 37.47 13.74
C ALA D 40 -15.48 38.71 13.98
N CYS D 41 -15.75 39.40 15.06
CA CYS D 41 -14.96 40.55 15.43
C CYS D 41 -13.58 40.22 16.01
N GLU D 42 -13.56 39.33 16.99
CA GLU D 42 -12.33 38.95 17.68
C GLU D 42 -11.26 38.22 16.88
N GLY D 43 -11.71 37.34 16.01
CA GLY D 43 -10.82 36.49 15.24
C GLY D 43 -10.95 35.08 15.80
N TYR D 44 -10.31 34.11 15.18
CA TYR D 44 -10.49 32.76 15.67
C TYR D 44 -9.26 32.04 16.16
N THR D 45 -9.39 31.41 17.31
CA THR D 45 -8.29 30.69 17.90
C THR D 45 -8.57 29.22 17.92
N THR D 46 -7.61 28.46 17.43
CA THR D 46 -7.75 27.01 17.37
C THR D 46 -6.66 26.25 18.09
N ASN D 47 -7.08 25.31 18.91
CA ASN D 47 -6.19 24.44 19.64
C ASN D 47 -6.58 23.01 19.38
N PHE D 48 -5.63 22.17 19.01
CA PHE D 48 -5.94 20.76 18.84
C PHE D 48 -4.80 19.83 19.22
N ARG D 49 -5.15 18.67 19.75
CA ARG D 49 -4.21 17.63 20.15
C ARG D 49 -4.62 16.41 19.33
N PHE D 50 -3.65 15.77 18.69
CA PHE D 50 -3.88 14.59 17.89
C PHE D 50 -2.93 13.52 18.40
N VAL D 51 -3.42 12.60 19.21
CA VAL D 51 -2.59 11.57 19.80
C VAL D 51 -2.93 10.22 19.19
N THR D 52 -1.90 9.51 18.70
CA THR D 52 -2.05 8.20 18.08
C THR D 52 -1.12 7.21 18.76
N ARG D 53 -1.65 6.09 19.22
CA ARG D 53 -0.83 5.08 19.86
C ARG D 53 -0.76 3.92 18.88
N VAL D 54 0.39 3.75 18.27
CA VAL D 54 0.58 2.74 17.26
C VAL D 54 1.44 1.56 17.63
N ASP D 55 0.87 0.37 17.52
CA ASP D 55 1.60 -0.84 17.79
C ASP D 55 1.83 -1.45 16.41
N MSE D 56 3.09 -1.79 16.15
CA MSE D 56 3.54 -2.48 14.95
C MSE D 56 4.24 -3.68 15.58
O MSE D 56 5.03 -3.49 16.54
CB MSE D 56 4.51 -1.67 14.10
CG MSE D 56 3.82 -0.78 13.07
SE MSE D 56 5.07 -0.14 11.69
CE MSE D 56 4.14 1.48 11.11
N ASP D 57 4.01 -4.90 15.11
CA ASP D 57 4.65 -6.05 15.76
C ASP D 57 6.16 -5.93 15.69
N GLU D 58 6.68 -5.48 14.56
CA GLU D 58 8.12 -5.23 14.43
C GLU D 58 8.76 -4.16 15.31
N GLN D 59 8.08 -3.05 15.52
CA GLN D 59 8.61 -2.00 16.38
C GLN D 59 7.62 -1.71 17.48
N PRO D 60 8.06 -1.64 18.73
CA PRO D 60 7.10 -1.49 19.83
C PRO D 60 6.26 -0.24 19.66
N GLN D 61 5.19 -0.17 20.46
CA GLN D 61 4.15 0.84 20.32
C GLN D 61 4.70 2.27 20.28
N ARG D 62 4.57 2.93 19.14
CA ARG D 62 5.07 4.30 18.97
C ARG D 62 3.92 5.27 19.16
N VAL D 63 4.06 6.16 20.14
CA VAL D 63 3.04 7.15 20.40
C VAL D 63 3.43 8.47 19.76
N THR D 64 2.48 9.09 19.09
CA THR D 64 2.71 10.35 18.43
C THR D 64 1.71 11.34 19.02
N ASP D 65 2.21 12.48 19.45
CA ASP D 65 1.36 13.51 20.05
C ASP D 65 1.64 14.83 19.36
N GLN D 66 0.66 15.37 18.65
CA GLN D 66 0.86 16.63 17.96
C GLN D 66 -0.04 17.68 18.56
N GLN D 67 0.54 18.81 18.94
CA GLN D 67 -0.22 19.90 19.55
C GLN D 67 -0.05 21.13 18.69
N THR D 68 -1.16 21.71 18.26
CA THR D 68 -1.15 22.84 17.35
C THR D 68 -2.04 23.91 17.96
N THR D 69 -1.62 25.17 17.84
CA THR D 69 -2.42 26.31 18.23
C THR D 69 -2.32 27.34 17.12
N THR D 70 -3.45 27.83 16.63
CA THR D 70 -3.40 28.82 15.57
C THR D 70 -4.36 29.96 15.89
N PHE D 71 -4.15 31.08 15.21
CA PHE D 71 -5.05 32.21 15.27
C PHE D 71 -5.17 32.79 13.89
N GLU D 72 -6.40 33.11 13.49
CA GLU D 72 -6.71 33.67 12.19
C GLU D 72 -7.53 34.92 12.41
N ASP D 73 -7.09 36.02 11.80
CA ASP D 73 -7.75 37.29 12.07
C ASP D 73 -9.20 37.25 11.58
N ALA D 74 -9.97 38.29 11.97
CA ALA D 74 -11.32 38.43 11.45
C ALA D 74 -11.29 38.79 9.97
N ASP D 75 -10.39 39.71 9.60
CA ASP D 75 -10.20 40.05 8.20
C ASP D 75 -9.84 38.82 7.39
N GLY D 76 -9.16 37.86 8.01
CA GLY D 76 -8.62 36.72 7.31
C GLY D 76 -7.31 36.98 6.60
N LYS D 77 -6.75 38.18 6.73
CA LYS D 77 -5.55 38.55 5.99
C LYS D 77 -4.29 37.90 6.56
N ASP D 78 -4.30 37.56 7.84
CA ASP D 78 -3.12 37.02 8.51
C ASP D 78 -3.43 35.75 9.32
N PHE D 79 -2.47 34.84 9.39
CA PHE D 79 -2.62 33.58 10.11
C PHE D 79 -1.42 33.25 11.01
N ARG D 80 -1.65 32.94 12.29
CA ARG D 80 -0.59 32.64 13.25
C ARG D 80 -0.63 31.20 13.73
N PHE D 81 0.50 30.50 13.66
CA PHE D 81 0.54 29.08 14.04
C PHE D 81 1.80 28.48 14.67
N VAL D 82 1.59 27.46 15.50
CA VAL D 82 2.71 26.69 16.05
C VAL D 82 2.33 25.20 16.10
N ASN D 83 3.14 24.32 15.52
CA ASN D 83 2.84 22.89 15.60
C ASN D 83 4.02 22.16 16.22
N LYS D 84 3.81 21.61 17.40
CA LYS D 84 4.80 20.77 18.06
C LYS D 84 4.45 19.32 17.80
N THR D 85 5.43 18.50 17.43
CA THR D 85 5.23 17.07 17.30
C THR D 85 6.21 16.36 18.23
N PHE D 86 5.66 15.56 19.16
CA PHE D 86 6.39 14.72 20.11
C PHE D 86 6.11 13.26 19.83
N VAL D 87 7.16 12.47 19.63
CA VAL D 87 7.03 11.04 19.39
C VAL D 87 7.76 10.30 20.50
N ASP D 88 7.06 9.39 21.17
CA ASP D 88 7.62 8.64 22.29
C ASP D 88 8.22 9.58 23.33
N LYS D 89 7.55 10.73 23.50
CA LYS D 89 7.90 11.75 24.51
C LYS D 89 9.19 12.49 24.19
N GLU D 90 9.40 12.86 22.94
CA GLU D 90 10.58 13.62 22.56
C GLU D 90 10.10 14.61 21.53
N LEU D 91 10.48 15.87 21.65
CA LEU D 91 10.04 16.85 20.69
C LEU D 91 10.90 16.60 19.50
N VAL D 92 10.26 16.12 18.43
CA VAL D 92 10.95 15.77 17.23
C VAL D 92 10.74 16.79 16.13
N LYS D 93 9.81 17.69 16.36
CA LYS D 93 9.57 18.73 15.41
C LYS D 93 8.83 19.93 15.98
N GLU D 94 9.21 21.10 15.55
CA GLU D 94 8.49 22.30 15.90
C GLU D 94 8.43 23.23 14.70
N VAL D 95 7.24 23.69 14.34
CA VAL D 95 7.04 24.69 13.30
C VAL D 95 6.25 25.83 13.90
N ARG D 96 6.70 27.05 13.66
CA ARG D 96 6.13 28.23 14.27
C ARG D 96 6.32 29.34 13.25
N GLY D 97 5.29 30.15 13.02
CA GLY D 97 5.44 31.17 12.01
C GLY D 97 4.19 32.00 11.82
N ASP D 98 4.26 32.88 10.82
CA ASP D 98 3.17 33.77 10.48
C ASP D 98 2.98 33.81 8.98
N ALA D 99 1.74 33.60 8.54
CA ALA D 99 1.37 33.73 7.14
C ALA D 99 0.49 34.95 6.97
N LYS D 100 0.88 35.85 6.10
CA LYS D 100 0.13 37.06 5.84
C LYS D 100 -0.27 37.06 4.37
N LEU D 101 -1.52 37.39 4.09
CA LEU D 101 -1.96 37.50 2.70
C LEU D 101 -1.87 38.96 2.29
N GLU D 102 -0.86 39.27 1.48
CA GLU D 102 -0.58 40.64 1.08
C GLU D 102 -0.15 40.70 -0.37
N ASP D 103 -0.65 41.73 -1.07
CA ASP D 103 -0.34 41.97 -2.47
C ASP D 103 -0.71 40.75 -3.31
N GLY D 104 -1.92 40.25 -3.09
CA GLY D 104 -2.42 39.10 -3.83
C GLY D 104 -1.56 37.87 -3.71
N LYS D 105 -0.72 37.80 -2.69
CA LYS D 105 0.11 36.63 -2.47
C LYS D 105 -0.14 36.14 -1.05
N THR D 106 0.72 35.22 -0.60
CA THR D 106 0.78 34.83 0.80
C THR D 106 2.24 34.91 1.22
N VAL D 107 2.50 35.71 2.25
CA VAL D 107 3.83 35.84 2.77
C VAL D 107 3.81 35.09 4.06
N VAL D 108 4.75 34.18 4.16
CA VAL D 108 4.90 33.33 5.30
C VAL D 108 6.25 33.52 5.92
N LYS D 109 6.27 33.66 7.23
CA LYS D 109 7.52 33.80 7.92
C LYS D 109 7.58 32.76 9.00
N LEU D 110 8.58 31.91 8.91
CA LEU D 110 8.81 30.84 9.86
C LEU D 110 10.04 31.12 10.72
N SER D 111 9.89 30.86 12.02
CA SER D 111 10.92 31.04 13.00
C SER D 111 11.51 29.71 13.47
N LYS D 112 10.67 28.69 13.46
CA LYS D 112 11.05 27.37 13.83
C LYS D 112 10.63 26.42 12.73
N PRO D 113 11.41 25.39 12.47
CA PRO D 113 12.66 24.89 13.05
C PRO D 113 13.83 25.82 12.75
N LYS D 114 13.70 26.62 11.70
CA LYS D 114 14.75 27.56 11.35
C LYS D 114 14.09 28.78 10.75
N GLU D 115 14.61 29.98 10.98
CA GLU D 115 13.98 31.17 10.43
C GLU D 115 14.03 31.10 8.91
N ASN D 116 12.91 31.40 8.27
CA ASN D 116 12.84 31.37 6.81
C ASN D 116 11.67 32.19 6.35
N THR D 117 11.72 32.65 5.11
CA THR D 117 10.59 33.34 4.50
C THR D 117 10.32 32.85 3.08
N LEU D 118 9.07 32.49 2.80
CA LEU D 118 8.69 32.08 1.46
C LEU D 118 7.58 32.97 0.94
N ASP D 119 7.53 33.09 -0.39
CA ASP D 119 6.44 33.72 -1.10
C ASP D 119 5.76 32.68 -1.97
N LEU D 120 4.46 32.49 -1.73
CA LEU D 120 3.63 31.56 -2.48
C LEU D 120 2.37 32.28 -2.93
N LYS D 121 1.58 31.62 -3.76
CA LYS D 121 0.36 32.21 -4.27
C LYS D 121 -0.68 32.50 -3.20
N GLY D 122 -1.56 33.44 -3.49
CA GLY D 122 -2.62 33.84 -2.59
C GLY D 122 -3.61 32.75 -2.33
N THR D 123 -4.07 32.65 -1.08
CA THR D 123 -4.98 31.62 -0.68
C THR D 123 -5.78 32.03 0.53
N GLN D 124 -6.36 31.06 1.23
CA GLN D 124 -7.18 31.32 2.41
C GLN D 124 -6.74 30.48 3.60
N PHE D 125 -7.07 30.91 4.82
CA PHE D 125 -6.71 30.19 6.03
C PHE D 125 -7.85 29.27 6.42
N PRO D 126 -7.58 28.28 7.26
CA PRO D 126 -8.56 27.24 7.56
C PRO D 126 -9.97 27.71 7.86
N THR D 127 -10.14 28.86 8.49
CA THR D 127 -11.50 29.24 8.85
C THR D 127 -12.25 29.83 7.67
N ARG D 128 -11.59 30.70 6.90
CA ARG D 128 -12.22 31.23 5.71
C ARG D 128 -12.55 30.10 4.75
N HIS D 129 -11.66 29.11 4.70
CA HIS D 129 -11.88 27.89 3.92
C HIS D 129 -13.05 27.11 4.53
N MSE D 130 -13.07 27.00 5.86
CA MSE D 130 -14.16 26.37 6.56
C MSE D 130 -15.44 27.14 6.31
O MSE D 130 -16.49 26.55 6.23
CB MSE D 130 -13.87 26.31 8.04
CG MSE D 130 -15.06 25.87 8.82
SE MSE D 130 -15.70 24.22 8.04
CE MSE D 130 -14.62 23.04 9.17
N GLU D 131 -15.34 28.46 6.20
CA GLU D 131 -16.52 29.29 5.99
C GLU D 131 -17.04 29.13 4.57
N GLU D 132 -16.13 29.11 3.60
CA GLU D 132 -16.51 28.92 2.20
C GLU D 132 -17.28 27.63 2.02
N LEU D 133 -16.72 26.53 2.51
CA LEU D 133 -17.37 25.25 2.36
C LEU D 133 -18.83 25.33 2.81
N ILE D 134 -19.10 26.07 3.88
CA ILE D 134 -20.47 26.14 4.38
C ILE D 134 -21.33 27.00 3.49
N GLY D 135 -20.79 28.12 3.01
CA GLY D 135 -21.54 28.93 2.07
C GLY D 135 -21.88 28.17 0.80
N LYS D 136 -20.93 27.39 0.30
CA LYS D 136 -21.19 26.59 -0.89
C LYS D 136 -22.19 25.49 -0.58
N ALA D 137 -21.96 24.73 0.48
CA ALA D 137 -22.90 23.68 0.86
C ALA D 137 -24.30 24.24 1.04
N GLU D 138 -24.42 25.44 1.63
CA GLU D 138 -25.72 26.07 1.84
C GLU D 138 -26.35 26.50 0.52
N ALA D 139 -25.54 26.97 -0.42
CA ALA D 139 -26.03 27.24 -1.76
C ALA D 139 -26.27 25.97 -2.54
N GLY D 140 -26.21 24.81 -1.89
CA GLY D 140 -26.46 23.54 -2.53
C GLY D 140 -25.44 23.03 -3.53
N GLN D 141 -24.27 23.63 -3.58
CA GLN D 141 -23.24 23.17 -4.49
C GLN D 141 -22.68 21.84 -4.00
N LYS D 142 -22.25 20.98 -4.91
CA LYS D 142 -21.77 19.69 -4.50
C LYS D 142 -20.38 19.32 -4.96
N PHE D 143 -19.77 20.14 -5.78
CA PHE D 143 -18.44 19.84 -6.27
C PHE D 143 -17.69 21.11 -6.61
N TYR D 144 -16.53 21.29 -5.99
CA TYR D 144 -15.71 22.46 -6.24
C TYR D 144 -14.26 22.27 -5.84
N GLN D 145 -13.41 23.16 -6.29
CA GLN D 145 -12.00 23.10 -5.95
C GLN D 145 -11.53 24.45 -5.41
N THR D 146 -10.64 24.42 -4.43
CA THR D 146 -10.14 25.66 -3.84
C THR D 146 -8.80 25.35 -3.19
N THR D 147 -8.29 26.34 -2.48
CA THR D 147 -6.93 26.31 -1.99
C THR D 147 -6.90 26.68 -0.52
N LEU D 148 -5.90 26.19 0.17
CA LEU D 148 -5.80 26.44 1.58
C LEU D 148 -4.38 26.41 2.07
N PHE D 149 -4.07 27.23 3.06
CA PHE D 149 -2.77 27.21 3.68
C PHE D 149 -3.14 26.74 5.06
N ASP D 150 -2.71 25.57 5.46
CA ASP D 150 -3.06 25.07 6.78
C ASP D 150 -1.88 24.88 7.74
N ALA D 151 -0.72 25.28 7.29
CA ALA D 151 0.48 25.21 8.06
C ALA D 151 0.74 23.81 8.54
N SER D 152 0.33 22.85 7.75
CA SER D 152 0.54 21.46 8.09
C SER D 152 2.00 21.12 7.85
N GLU D 153 2.53 20.15 8.57
CA GLU D 153 3.90 19.74 8.37
C GLU D 153 4.84 20.94 8.45
N ASP D 154 5.58 21.19 7.39
CA ASP D 154 6.53 22.29 7.32
C ASP D 154 5.92 23.65 7.07
N ALA D 155 4.62 23.73 6.86
CA ALA D 155 3.99 25.03 6.63
C ALA D 155 4.70 25.72 5.49
N ASP D 156 4.91 24.99 4.41
CA ASP D 156 5.71 25.51 3.31
C ASP D 156 5.04 25.49 1.94
N ARG D 157 3.88 24.86 1.78
CA ARG D 157 3.23 24.77 0.50
C ARG D 157 1.80 25.28 0.61
N VAL D 158 1.16 25.51 -0.53
CA VAL D 158 -0.28 25.70 -0.59
C VAL D 158 -0.87 24.46 -1.25
N VAL D 159 -1.69 23.74 -0.51
CA VAL D 159 -2.24 22.50 -1.02
C VAL D 159 -3.48 22.81 -1.84
N ALA D 160 -3.82 21.86 -2.70
CA ALA D 160 -5.04 21.92 -3.51
C ALA D 160 -6.12 21.09 -2.84
N THR D 161 -7.31 21.66 -2.70
CA THR D 161 -8.45 20.95 -2.15
C THR D 161 -9.56 20.86 -3.20
N THR D 162 -10.12 19.67 -3.35
CA THR D 162 -11.32 19.51 -4.14
C THR D 162 -12.38 18.99 -3.20
N VAL D 163 -13.52 19.66 -3.20
CA VAL D 163 -14.54 19.44 -2.19
C VAL D 163 -15.73 18.79 -2.87
N VAL D 164 -16.29 17.79 -2.22
CA VAL D 164 -17.33 16.93 -2.76
C VAL D 164 -18.38 16.80 -1.66
N VAL D 165 -19.43 17.57 -1.77
CA VAL D 165 -20.53 17.55 -0.81
C VAL D 165 -21.54 16.47 -1.20
N GLY D 166 -22.09 15.83 -0.20
CA GLY D 166 -23.08 14.80 -0.32
C GLY D 166 -24.46 15.31 0.05
N LYS D 167 -25.44 14.44 -0.01
CA LYS D 167 -26.79 14.85 0.34
C LYS D 167 -26.97 14.96 1.84
N GLN D 168 -27.60 16.05 2.24
CA GLN D 168 -27.85 16.35 3.63
C GLN D 168 -28.70 15.31 4.29
N GLN D 169 -28.47 15.07 5.57
CA GLN D 169 -29.23 14.09 6.31
C GLN D 169 -29.19 14.35 7.80
N ALA D 170 -30.14 13.77 8.53
CA ALA D 170 -30.18 13.92 9.97
C ALA D 170 -30.46 12.59 10.63
N VAL D 171 -29.56 11.66 10.53
CA VAL D 171 -29.77 10.39 11.13
C VAL D 171 -29.09 10.42 12.46
N PRO D 172 -29.84 10.18 13.53
CA PRO D 172 -29.29 10.18 14.88
C PRO D 172 -28.48 8.92 15.05
N ASP D 173 -27.39 8.97 15.82
CA ASP D 173 -26.54 7.81 16.02
C ASP D 173 -25.82 7.89 17.37
N ASP D 174 -24.69 7.19 17.48
CA ASP D 174 -23.90 7.20 18.69
C ASP D 174 -23.26 8.55 18.96
N GLU D 175 -23.11 9.40 17.96
CA GLU D 175 -22.45 10.68 18.19
C GLU D 175 -23.44 11.80 18.42
N THR D 176 -24.52 11.85 17.63
CA THR D 176 -25.53 12.89 17.84
C THR D 176 -26.02 12.90 19.28
N LYS D 177 -25.91 11.77 19.98
CA LYS D 177 -26.56 11.68 21.27
C LYS D 177 -25.89 12.60 22.29
N VAL D 178 -24.60 12.88 22.11
CA VAL D 178 -23.84 13.69 23.07
C VAL D 178 -23.72 15.13 22.62
N MSE D 179 -24.54 15.53 21.66
CA MSE D 179 -24.47 16.87 21.14
C MSE D 179 -25.52 17.78 21.73
O MSE D 179 -25.55 18.97 21.43
CB MSE D 179 -24.61 16.85 19.65
CG MSE D 179 -23.82 15.75 19.06
SE MSE D 179 -23.71 16.00 17.19
CE MSE D 179 -22.93 17.76 17.08
N GLY D 180 -26.36 17.28 22.61
CA GLY D 180 -27.28 18.18 23.24
C GLY D 180 -28.18 18.93 22.29
N LYS D 181 -28.05 20.25 22.35
CA LYS D 181 -28.87 21.15 21.59
C LYS D 181 -28.76 20.94 20.09
N PHE D 182 -27.67 20.32 19.65
CA PHE D 182 -27.47 20.10 18.22
C PHE D 182 -27.57 18.65 17.83
N SER D 183 -28.27 17.83 18.64
CA SER D 183 -28.27 16.40 18.41
C SER D 183 -29.01 16.01 17.14
N LYS D 184 -30.06 16.73 16.77
CA LYS D 184 -30.88 16.37 15.61
C LYS D 184 -30.81 17.40 14.48
N ASP D 185 -29.83 18.29 14.52
CA ASP D 185 -29.67 19.26 13.45
C ASP D 185 -29.14 18.53 12.22
N GLN D 186 -29.27 19.13 11.07
CA GLN D 186 -28.82 18.53 9.82
C GLN D 186 -27.32 18.52 9.60
N VAL D 187 -26.83 17.51 8.89
CA VAL D 187 -25.42 17.43 8.54
C VAL D 187 -25.19 17.07 7.10
N TRP D 188 -24.11 17.56 6.54
CA TRP D 188 -23.75 17.28 5.17
C TRP D 188 -22.56 16.36 5.18
N PRO D 189 -22.63 15.25 4.46
CA PRO D 189 -21.42 14.44 4.39
C PRO D 189 -20.42 15.20 3.53
N VAL D 190 -19.16 15.21 3.91
CA VAL D 190 -18.17 15.93 3.13
C VAL D 190 -16.90 15.14 2.90
N THR D 191 -16.24 15.44 1.79
CA THR D 191 -14.98 14.82 1.46
C THR D 191 -14.07 15.93 1.01
N ILE D 192 -12.83 15.87 1.41
CA ILE D 192 -11.84 16.84 0.97
C ILE D 192 -10.60 16.04 0.61
N ALA D 193 -10.05 16.29 -0.56
CA ALA D 193 -8.86 15.59 -1.02
C ALA D 193 -7.77 16.59 -1.26
N TYR D 194 -6.56 16.27 -0.80
CA TYR D 194 -5.45 17.21 -0.89
C TYR D 194 -4.46 16.70 -1.92
N PHE D 195 -3.92 17.62 -2.71
CA PHE D 195 -2.96 17.26 -3.74
C PHE D 195 -1.79 18.23 -3.65
N ASP D 196 -0.77 17.91 -4.41
CA ASP D 196 0.28 18.87 -4.71
C ASP D 196 0.72 18.66 -6.15
N ASP D 197 1.53 19.59 -6.63
CA ASP D 197 2.08 19.52 -7.96
C ASP D 197 2.79 18.19 -8.20
N GLY D 203 -1.94 11.58 -9.54
CA GLY D 203 -2.75 10.43 -9.19
C GLY D 203 -3.76 10.68 -8.09
N MSE D 204 -3.74 9.86 -7.07
CA MSE D 204 -4.64 10.05 -5.96
C MSE D 204 -4.16 11.17 -5.10
O MSE D 204 -3.06 11.67 -5.28
CB MSE D 204 -4.83 8.80 -5.18
CG MSE D 204 -4.95 7.68 -6.17
SE MSE D 204 -3.44 6.59 -5.70
CE MSE D 204 -4.52 5.24 -4.82
N PRO D 205 -4.99 11.63 -4.19
CA PRO D 205 -4.56 12.71 -3.33
C PRO D 205 -3.53 12.31 -2.28
N ILE D 206 -2.76 13.27 -1.80
CA ILE D 206 -1.81 13.00 -0.74
C ILE D 206 -2.58 12.60 0.50
N TYR D 207 -3.72 13.26 0.71
CA TYR D 207 -4.58 13.03 1.85
C TYR D 207 -6.06 13.17 1.45
N ARG D 208 -6.97 12.57 2.19
CA ARG D 208 -8.38 12.65 1.88
C ARG D 208 -9.15 12.50 3.18
N ILE D 209 -10.14 13.36 3.37
CA ILE D 209 -10.94 13.34 4.56
C ILE D 209 -12.43 13.22 4.30
N ASN D 210 -13.09 12.39 5.07
CA ASN D 210 -14.52 12.23 4.95
C ASN D 210 -15.20 12.57 6.26
N PHE D 211 -16.20 13.43 6.22
CA PHE D 211 -16.89 13.82 7.41
C PHE D 211 -18.29 14.39 7.20
N LYS D 212 -18.99 14.56 8.31
CA LYS D 212 -20.30 15.15 8.37
C LYS D 212 -20.09 16.54 8.96
N LEU D 213 -20.77 17.52 8.42
CA LEU D 213 -20.63 18.90 8.83
C LEU D 213 -21.94 19.56 9.23
N TYR D 214 -21.86 20.39 10.27
CA TYR D 214 -23.00 21.14 10.79
C TYR D 214 -22.84 22.58 10.32
N ARG D 215 -23.93 23.31 10.23
CA ARG D 215 -23.91 24.68 9.69
C ARG D 215 -23.07 25.64 10.54
N ASN D 216 -22.80 25.29 11.78
CA ASN D 216 -22.03 26.13 12.69
C ASN D 216 -20.56 25.72 12.74
N GLY D 217 -20.17 24.70 11.97
CA GLY D 217 -18.79 24.28 11.85
C GLY D 217 -18.39 23.05 12.62
N ILE D 218 -19.32 22.33 13.20
CA ILE D 218 -18.99 21.25 14.12
C ILE D 218 -18.92 19.93 13.35
N THR D 219 -17.74 19.32 13.29
CA THR D 219 -17.50 18.10 12.52
C THR D 219 -17.61 16.84 13.36
N ARG D 220 -18.09 15.75 12.74
CA ARG D 220 -18.14 14.45 13.39
C ARG D 220 -18.11 13.34 12.35
N ASP D 221 -17.92 12.10 12.83
CA ASP D 221 -17.82 10.91 11.97
C ASP D 221 -16.73 11.09 10.91
N MSE D 222 -15.51 11.24 11.38
CA MSE D 222 -14.44 11.43 10.48
C MSE D 222 -13.79 10.17 10.08
O MSE D 222 -13.70 9.20 10.82
CB MSE D 222 -13.38 12.29 11.11
CG MSE D 222 -13.83 13.72 11.04
SE MSE D 222 -12.75 14.57 12.40
CE MSE D 222 -11.91 16.06 11.43
N THR D 223 -13.37 10.15 8.83
CA THR D 223 -12.62 9.01 8.30
C THR D 223 -11.49 9.60 7.49
N MSE D 224 -10.25 9.40 7.95
CA MSE D 224 -9.07 9.98 7.28
C MSE D 224 -8.24 8.96 6.60
O MSE D 224 -7.77 8.01 7.23
CB MSE D 224 -8.27 10.79 8.32
CG MSE D 224 -8.51 10.28 9.73
SE MSE D 224 -9.46 11.53 10.88
CE MSE D 224 -8.06 12.90 10.88
N ASP D 225 -7.98 9.17 5.30
CA ASP D 225 -7.27 8.18 4.50
C ASP D 225 -5.92 8.75 4.13
N TYR D 226 -4.86 8.11 4.63
CA TYR D 226 -3.51 8.52 4.38
C TYR D 226 -2.84 7.68 3.31
N GLY D 227 -3.58 6.74 2.74
CA GLY D 227 -3.02 5.86 1.73
C GLY D 227 -2.81 4.46 2.25
N ASP D 228 -1.61 4.18 2.76
CA ASP D 228 -1.28 2.85 3.26
C ASP D 228 -2.15 2.46 4.44
N PHE D 229 -2.92 3.42 4.93
CA PHE D 229 -3.83 3.20 6.05
C PHE D 229 -4.86 4.33 6.20
N SER D 230 -5.97 4.00 6.85
CA SER D 230 -7.03 4.94 7.12
C SER D 230 -7.44 4.87 8.58
N MSE D 231 -7.86 6.00 9.13
CA MSE D 231 -8.21 6.09 10.52
C MSE D 231 -9.56 6.71 10.71
O MSE D 231 -10.02 7.50 9.86
CB MSE D 231 -7.14 7.01 11.09
CG MSE D 231 -7.29 7.31 12.57
SE MSE D 231 -5.97 8.70 12.97
CE MSE D 231 -4.36 7.57 12.88
N ARG D 232 -10.22 6.34 11.78
CA ARG D 232 -11.54 6.84 12.08
C ARG D 232 -11.57 7.71 13.33
N GLY D 233 -12.20 8.86 13.22
CA GLY D 233 -12.34 9.74 14.36
C GLY D 233 -13.79 9.87 14.74
N LYS D 234 -14.13 9.33 15.91
CA LYS D 234 -15.52 9.33 16.36
C LYS D 234 -15.70 10.36 17.46
N LEU D 235 -16.77 11.15 17.38
CA LEU D 235 -17.01 12.19 18.37
C LEU D 235 -17.53 11.60 19.68
N VAL D 236 -16.97 12.04 20.81
CA VAL D 236 -17.36 11.42 22.07
C VAL D 236 -17.73 12.46 23.12
N LYS D 237 -17.35 13.72 22.91
CA LYS D 237 -17.67 14.73 23.91
C LYS D 237 -17.75 16.08 23.22
N LEU D 238 -18.77 16.86 23.57
CA LEU D 238 -19.05 18.13 22.92
C LEU D 238 -19.47 19.16 23.96
N ASP D 239 -18.70 20.23 24.07
CA ASP D 239 -18.98 21.33 24.97
C ASP D 239 -19.20 22.59 24.14
N ILE D 240 -20.39 23.16 24.23
CA ILE D 240 -20.81 24.30 23.40
C ILE D 240 -20.53 25.60 24.13
N TYR D 241 -19.66 26.43 23.56
CA TYR D 241 -19.18 27.64 24.21
C TYR D 241 -19.90 28.90 23.74
N ASP D 242 -21.09 28.77 23.16
CA ASP D 242 -21.85 29.96 22.77
C ASP D 242 -22.98 30.25 23.75
C1 GOL E . -4.32 -25.05 8.09
O1 GOL E . -3.29 -25.53 7.25
C2 GOL E . -4.90 -26.21 8.88
O2 GOL E . -6.22 -25.90 9.25
C3 GOL E . -4.89 -27.42 7.98
O3 GOL E . -4.72 -28.59 8.74
C1 EDO F . -8.47 -35.08 -4.49
O1 EDO F . -9.64 -34.32 -4.85
C2 EDO F . -7.34 -34.71 -5.43
O2 EDO F . -6.98 -35.84 -6.26
C1 EDO G . -2.49 -22.87 1.33
O1 EDO G . -1.27 -23.25 0.69
C2 EDO G . -2.87 -23.94 2.34
O2 EDO G . -4.02 -23.47 3.03
C1 EDO H . -2.74 -12.98 -11.63
O1 EDO H . -1.49 -13.63 -11.92
C2 EDO H . -3.52 -13.83 -10.64
O2 EDO H . -4.54 -13.02 -10.03
C1 EDO I . 14.72 -38.00 10.12
O1 EDO I . 14.69 -36.65 10.63
C2 EDO I . 15.57 -38.90 11.03
O2 EDO I . 14.83 -39.20 12.21
C1 GOL J . 23.04 -5.92 23.90
O1 GOL J . 22.69 -4.95 22.91
C2 GOL J . 24.52 -6.29 23.75
O2 GOL J . 25.15 -5.35 22.87
C3 GOL J . 24.62 -7.68 23.16
O3 GOL J . 23.73 -8.56 23.85
C1 EDO K . 45.69 8.99 16.00
O1 EDO K . 44.98 10.23 15.93
C2 EDO K . 47.00 9.10 15.22
O2 EDO K . 47.75 7.90 15.37
C1 EDO L . 30.88 0.10 4.38
O1 EDO L . 29.78 -0.55 4.99
C2 EDO L . 31.89 -0.95 3.95
O2 EDO L . 32.97 -0.33 3.24
C1 EDO M . -14.86 18.63 -22.54
O1 EDO M . -13.55 18.12 -22.90
C2 EDO M . -15.73 17.59 -21.84
O2 EDO M . -17.06 18.09 -21.60
C1 EDO N . -1.46 18.65 4.15
O1 EDO N . -2.23 19.75 4.63
C2 EDO N . -2.06 17.34 4.68
O2 EDO N . -1.08 16.30 4.57
C1 EDO O . -4.81 24.62 10.95
O1 EDO O . -4.23 23.34 11.24
C2 EDO O . -5.94 24.86 11.93
O2 EDO O . -6.33 26.24 11.81
#